data_5HP2
#
_entry.id   5HP2
#
_cell.length_a   81.320
_cell.length_b   106.680
_cell.length_c   120.490
_cell.angle_alpha   90.00
_cell.angle_beta   90.00
_cell.angle_gamma   90.00
#
_symmetry.space_group_name_H-M   'P 21 21 21'
#
loop_
_entity.id
_entity.type
_entity.pdbx_description
1 polymer 'Double-stranded RNA-specific editase 1'
2 polymer "RNA (5'-R(*UP*UP*CP*CP*CP*CP*AP*CP*AP*UP*UP*(8AZ)P*GP*AP*CP*GP*UP*UP*CP*AP*GP*UP*C)-3')"
3 polymer "RNA (5'-R(*GP*AP*CP*UP*GP*AP*AP*CP*GP*AP*CP*UP*AP*AP*UP*GP*UP*GP*GP*GP*GP*AP*A)-3')"
4 non-polymer 'INOSITOL HEXAKISPHOSPHATE'
5 non-polymer 'ZINC ION'
6 water water
#
loop_
_entity_poly.entity_id
_entity_poly.type
_entity_poly.pdbx_seq_one_letter_code
_entity_poly.pdbx_strand_id
1 'polypeptide(L)'
;LHLDQTPSRQPIPSEGLQLHLPQVLADAVSRLVLGKFGDLTDNFSSPHARRKVLAGVVMTTGTDVKDAKVISVSTGTKCI
NGEYMSDRGLALNDCHAEIISRRSLLRFLYTQLELYLNNKDDQKRSIFQKSERGGFRLKENVQFHLYISTSPCGDARIFS
PHEPILEEPADRHPNRKARGQLRTKIESGEGTIPVRSNASIQTWDGVLQGERLLTMSCSDKIARWNVVGIQGSLLSIFVE
PIYFSSIILGSLYHGDHLSRAMYQRISNIEDLPPLYTLNKPLLSGISNAEARQPGKAPNFSVNWTVGDSAIEVINATTGK
DELGRASRLCKHALYCRWMRVHGKVPSHLLRSKITKPNVYHESKLAAKEYQAAKARLFTAFIKAGLGAWVEKPTEQDQFS
LTP
;
A,D
2 'polyribonucleotide' UUCCCCACAUU(8AZ)GACGUUCAGUC B
3 'polyribonucleotide' GACUGAACGACUAAUGUGGGGAA C
#
# COMPACT_ATOMS: atom_id res chain seq x y z
N PRO A 7 28.35 9.08 -8.04
CA PRO A 7 26.94 9.13 -8.41
C PRO A 7 26.46 7.91 -9.20
N SER A 8 27.36 7.23 -9.93
CA SER A 8 26.96 6.06 -10.74
C SER A 8 26.63 4.81 -9.92
N ARG A 9 27.48 4.52 -8.94
CA ARG A 9 27.34 3.33 -8.11
C ARG A 9 26.72 3.64 -6.75
N GLN A 10 25.53 4.24 -6.78
CA GLN A 10 24.79 4.59 -5.56
C GLN A 10 23.35 4.07 -5.60
N PRO A 11 22.85 3.54 -4.46
CA PRO A 11 21.49 3.04 -4.31
C PRO A 11 20.42 4.00 -4.82
N ILE A 12 19.41 3.40 -5.46
CA ILE A 12 18.27 4.09 -6.05
C ILE A 12 16.96 3.78 -5.31
N PRO A 13 16.50 4.68 -4.42
CA PRO A 13 15.31 4.40 -3.61
C PRO A 13 14.04 4.06 -4.41
N SER A 14 13.08 3.41 -3.74
CA SER A 14 11.99 2.72 -4.43
C SER A 14 10.69 3.51 -4.63
N GLU A 15 9.99 3.80 -3.53
CA GLU A 15 8.66 4.40 -3.61
C GLU A 15 8.64 5.80 -3.00
N GLY A 16 7.53 6.15 -2.36
CA GLY A 16 7.39 7.45 -1.73
C GLY A 16 7.44 7.43 -0.22
N LEU A 17 7.24 6.26 0.39
CA LEU A 17 7.44 6.09 1.83
C LEU A 17 8.50 4.98 2.09
N GLN A 18 9.60 5.34 2.73
CA GLN A 18 10.78 4.48 2.93
C GLN A 18 10.79 3.62 4.22
N LEU A 19 10.68 2.30 4.03
CA LEU A 19 10.45 1.39 5.16
C LEU A 19 11.69 0.70 5.70
N HIS A 20 12.76 0.63 4.92
CA HIS A 20 14.05 0.16 5.45
C HIS A 20 15.20 1.09 5.07
N LEU A 21 16.34 0.91 5.71
CA LEU A 21 17.54 1.62 5.27
C LEU A 21 18.20 0.85 4.12
N PRO A 22 18.43 1.54 3.00
CA PRO A 22 18.89 0.94 1.73
C PRO A 22 20.13 0.06 1.87
N GLN A 23 21.23 0.64 2.33
CA GLN A 23 22.52 -0.05 2.32
C GLN A 23 22.53 -1.16 3.35
N VAL A 24 21.79 -0.97 4.42
CA VAL A 24 21.69 -1.96 5.48
C VAL A 24 20.96 -3.18 4.96
N LEU A 25 19.88 -2.96 4.21
CA LEU A 25 19.15 -4.07 3.61
C LEU A 25 19.99 -4.82 2.58
N ALA A 26 20.63 -4.07 1.69
CA ALA A 26 21.45 -4.65 0.64
C ALA A 26 22.50 -5.55 1.28
N ASP A 27 23.29 -4.98 2.17
CA ASP A 27 24.30 -5.76 2.86
C ASP A 27 23.67 -6.91 3.64
N ALA A 28 22.47 -6.69 4.15
CA ALA A 28 21.76 -7.73 4.90
C ALA A 28 21.48 -8.96 4.02
N VAL A 29 20.78 -8.75 2.91
CA VAL A 29 20.39 -9.86 2.06
C VAL A 29 21.57 -10.51 1.34
N SER A 30 22.63 -9.77 1.07
CA SER A 30 23.81 -10.37 0.49
C SER A 30 24.43 -11.31 1.54
N ARG A 31 24.48 -10.85 2.79
CA ARG A 31 25.04 -11.68 3.85
C ARG A 31 24.21 -12.93 4.10
N LEU A 32 22.89 -12.76 4.16
CA LEU A 32 21.98 -13.83 4.51
C LEU A 32 22.00 -14.94 3.47
N VAL A 33 21.79 -14.58 2.21
CA VAL A 33 21.82 -15.51 1.08
C VAL A 33 23.18 -16.18 0.92
N LEU A 34 24.23 -15.38 0.83
CA LEU A 34 25.57 -15.96 0.69
C LEU A 34 25.86 -16.83 1.92
N GLY A 35 25.34 -16.41 3.07
CA GLY A 35 25.47 -17.20 4.27
C GLY A 35 24.76 -18.54 4.17
N LYS A 36 23.47 -18.53 3.84
CA LYS A 36 22.69 -19.76 3.73
C LYS A 36 23.25 -20.66 2.62
N PHE A 37 23.86 -20.06 1.59
CA PHE A 37 24.53 -20.87 0.57
C PHE A 37 25.74 -21.59 1.19
N GLY A 38 26.35 -20.97 2.18
CA GLY A 38 27.42 -21.62 2.89
C GLY A 38 26.92 -22.85 3.64
N ASP A 39 25.86 -22.69 4.45
CA ASP A 39 25.30 -23.79 5.25
C ASP A 39 24.93 -25.00 4.42
N LEU A 40 24.44 -24.74 3.21
CA LEU A 40 24.03 -25.80 2.30
C LEU A 40 25.24 -26.54 1.71
N THR A 41 26.42 -25.93 1.78
CA THR A 41 27.59 -26.53 1.16
C THR A 41 28.70 -26.84 2.15
N ASP A 42 28.33 -27.03 3.42
CA ASP A 42 29.29 -27.34 4.49
C ASP A 42 30.51 -26.40 4.44
N ASN A 43 30.21 -25.11 4.51
CA ASN A 43 31.17 -24.01 4.34
C ASN A 43 32.00 -24.09 3.05
N PHE A 44 31.29 -24.11 1.92
CA PHE A 44 31.85 -23.96 0.57
C PHE A 44 32.86 -25.05 0.18
N SER A 45 32.95 -26.09 0.98
CA SER A 45 33.90 -27.18 0.78
C SER A 45 33.30 -28.31 -0.06
N SER A 46 31.97 -28.31 -0.12
CA SER A 46 31.16 -29.28 -0.89
C SER A 46 31.52 -29.41 -2.39
N PRO A 47 31.19 -30.58 -3.00
CA PRO A 47 31.43 -30.79 -4.44
C PRO A 47 30.84 -29.74 -5.38
N HIS A 48 29.56 -29.45 -5.17
CA HIS A 48 28.84 -28.57 -6.07
C HIS A 48 28.82 -27.15 -5.55
N ALA A 49 29.77 -26.81 -4.68
CA ALA A 49 29.82 -25.47 -4.12
C ALA A 49 30.55 -24.48 -5.06
N ARG A 50 31.19 -25.01 -6.09
CA ARG A 50 31.85 -24.15 -7.06
C ARG A 50 30.81 -23.42 -7.89
N ARG A 51 30.76 -22.11 -7.75
CA ARG A 51 29.87 -21.34 -8.61
C ARG A 51 30.61 -20.23 -9.34
N LYS A 52 29.92 -19.62 -10.29
CA LYS A 52 30.44 -18.50 -11.07
C LYS A 52 29.52 -17.34 -10.80
N VAL A 53 28.22 -17.63 -10.77
CA VAL A 53 27.21 -16.67 -10.37
C VAL A 53 26.32 -17.24 -9.26
N LEU A 54 26.01 -16.43 -8.25
CA LEU A 54 25.12 -16.84 -7.18
C LEU A 54 23.93 -15.88 -7.07
N ALA A 55 22.74 -16.44 -6.88
CA ALA A 55 21.56 -15.61 -6.68
C ALA A 55 20.70 -16.20 -5.60
N GLY A 56 19.72 -15.41 -5.15
CA GLY A 56 18.83 -15.83 -4.09
C GLY A 56 17.70 -14.86 -3.88
N VAL A 57 16.66 -15.33 -3.18
CA VAL A 57 15.52 -14.50 -2.78
C VAL A 57 15.39 -14.44 -1.26
N VAL A 58 15.23 -13.23 -0.71
CA VAL A 58 14.99 -13.09 0.73
C VAL A 58 13.61 -12.53 0.96
N MET A 59 12.91 -13.06 1.95
CA MET A 59 11.61 -12.53 2.33
C MET A 59 11.74 -11.72 3.63
N THR A 60 10.99 -10.62 3.76
CA THR A 60 10.90 -9.93 5.04
C THR A 60 9.44 -9.80 5.51
N THR A 61 9.24 -9.90 6.83
CA THR A 61 7.90 -9.85 7.42
C THR A 61 7.75 -8.51 8.12
N GLY A 62 8.87 -7.84 8.35
CA GLY A 62 8.87 -6.58 9.05
C GLY A 62 10.21 -5.88 9.07
N THR A 63 10.24 -4.74 9.77
CA THR A 63 11.38 -3.83 9.75
C THR A 63 12.59 -4.38 10.50
N ASP A 64 12.35 -5.22 11.49
CA ASP A 64 13.44 -5.86 12.21
C ASP A 64 14.22 -6.72 11.24
N VAL A 65 15.47 -6.32 10.97
CA VAL A 65 16.27 -7.01 9.96
C VAL A 65 16.81 -8.36 10.46
N LYS A 66 16.21 -8.90 11.52
CA LYS A 66 16.45 -10.29 11.90
C LYS A 66 15.17 -11.09 11.72
N ASP A 67 14.09 -10.41 11.32
CA ASP A 67 12.85 -11.08 10.85
C ASP A 67 12.94 -11.42 9.35
N ALA A 68 14.17 -11.58 8.87
CA ALA A 68 14.40 -11.94 7.48
C ALA A 68 14.56 -13.46 7.34
N LYS A 69 14.06 -14.03 6.23
CA LYS A 69 14.17 -15.47 5.95
C LYS A 69 14.70 -15.73 4.57
N VAL A 70 15.75 -16.52 4.46
CA VAL A 70 16.26 -16.87 3.14
C VAL A 70 15.34 -17.91 2.48
N ILE A 71 14.75 -17.52 1.37
CA ILE A 71 13.75 -18.33 0.67
C ILE A 71 14.37 -19.20 -0.39
N SER A 72 15.31 -18.67 -1.15
CA SER A 72 15.89 -19.50 -2.19
C SER A 72 17.32 -19.12 -2.47
N VAL A 73 18.07 -20.10 -2.97
CA VAL A 73 19.48 -19.93 -3.30
C VAL A 73 19.79 -20.73 -4.56
N SER A 74 20.54 -20.16 -5.48
CA SER A 74 20.79 -20.84 -6.74
C SER A 74 22.02 -20.30 -7.43
N THR A 75 22.59 -21.13 -8.29
CA THR A 75 23.77 -20.80 -9.07
C THR A 75 23.60 -21.28 -10.49
N GLY A 76 24.30 -20.66 -11.43
CA GLY A 76 24.25 -21.15 -12.78
C GLY A 76 24.45 -20.05 -13.79
N THR A 77 25.09 -20.38 -14.90
CA THR A 77 25.42 -19.43 -15.96
C THR A 77 25.09 -19.94 -17.36
N LYS A 78 24.31 -21.02 -17.45
CA LYS A 78 24.14 -21.70 -18.74
C LYS A 78 22.71 -22.00 -19.09
N CYS A 79 22.48 -22.30 -20.37
CA CYS A 79 21.15 -22.64 -20.83
C CYS A 79 21.15 -23.97 -21.52
N ILE A 80 19.99 -24.59 -21.60
CA ILE A 80 19.83 -25.88 -22.25
C ILE A 80 20.39 -25.92 -23.69
N ASN A 81 20.88 -27.09 -24.06
CA ASN A 81 21.25 -27.44 -25.42
C ASN A 81 19.97 -27.64 -26.22
N GLY A 82 19.99 -27.34 -27.51
CA GLY A 82 18.81 -27.49 -28.34
C GLY A 82 18.19 -28.90 -28.36
N GLU A 83 19.00 -29.95 -28.51
CA GLU A 83 18.50 -31.34 -28.58
C GLU A 83 17.78 -31.79 -27.34
N TYR A 84 17.98 -31.07 -26.24
CA TYR A 84 17.53 -31.61 -24.98
C TYR A 84 16.25 -30.95 -24.52
N MET A 85 15.69 -30.09 -25.36
CA MET A 85 14.39 -29.52 -25.03
C MET A 85 13.40 -30.66 -24.81
N SER A 86 12.54 -30.52 -23.80
CA SER A 86 11.58 -31.59 -23.52
C SER A 86 10.13 -31.19 -23.79
N ASP A 87 9.46 -31.95 -24.65
CA ASP A 87 8.05 -31.73 -25.01
C ASP A 87 7.13 -32.26 -23.91
N ARG A 88 7.69 -32.93 -22.91
CA ARG A 88 6.90 -33.32 -21.76
C ARG A 88 7.18 -32.39 -20.58
N GLY A 89 7.90 -31.30 -20.87
CA GLY A 89 8.19 -30.26 -19.88
C GLY A 89 9.07 -30.68 -18.70
N LEU A 90 10.04 -31.54 -18.95
CA LEU A 90 10.86 -32.14 -17.89
C LEU A 90 12.23 -31.45 -17.78
N ALA A 91 12.46 -30.43 -18.59
CA ALA A 91 13.77 -29.79 -18.65
C ALA A 91 13.81 -28.35 -18.14
N LEU A 92 15.00 -27.96 -17.67
CA LEU A 92 15.23 -26.59 -17.29
C LEU A 92 15.90 -25.87 -18.44
N ASN A 93 15.07 -25.14 -19.21
CA ASN A 93 15.53 -24.41 -20.40
C ASN A 93 16.53 -23.31 -20.08
N ASP A 94 16.39 -22.71 -18.90
CA ASP A 94 17.27 -21.59 -18.50
C ASP A 94 17.69 -21.79 -17.06
N CYS A 95 19.01 -21.85 -16.87
CA CYS A 95 19.62 -22.08 -15.57
C CYS A 95 20.57 -20.93 -15.12
N HIS A 96 20.39 -19.72 -15.62
CA HIS A 96 21.10 -18.60 -15.05
C HIS A 96 20.61 -18.36 -13.62
N ALA A 97 21.55 -18.17 -12.70
CA ALA A 97 21.28 -18.16 -11.25
C ALA A 97 19.97 -17.50 -10.81
N GLU A 98 19.74 -16.28 -11.28
CA GLU A 98 18.59 -15.51 -10.82
C GLU A 98 17.29 -16.11 -11.39
N ILE A 99 17.35 -16.64 -12.61
CA ILE A 99 16.15 -17.22 -13.23
C ILE A 99 15.65 -18.42 -12.43
N ILE A 100 16.60 -19.18 -11.89
CA ILE A 100 16.32 -20.35 -11.06
C ILE A 100 15.75 -19.98 -9.68
N SER A 101 16.31 -18.94 -9.07
CA SER A 101 15.82 -18.49 -7.77
C SER A 101 14.34 -18.07 -7.85
N ARG A 102 13.91 -17.51 -8.97
CA ARG A 102 12.50 -17.18 -9.11
C ARG A 102 11.66 -18.49 -9.14
N ARG A 103 12.13 -19.50 -9.85
CA ARG A 103 11.43 -20.79 -9.90
C ARG A 103 11.42 -21.43 -8.50
N SER A 104 12.56 -21.33 -7.81
CA SER A 104 12.62 -21.79 -6.43
C SER A 104 11.60 -21.04 -5.58
N LEU A 105 11.45 -19.75 -5.82
CA LEU A 105 10.45 -18.96 -5.10
C LEU A 105 9.03 -19.47 -5.33
N LEU A 106 8.75 -19.90 -6.56
CA LEU A 106 7.43 -20.44 -6.90
C LEU A 106 7.03 -21.63 -6.05
N ARG A 107 7.98 -22.49 -5.74
CA ARG A 107 7.66 -23.65 -4.93
C ARG A 107 7.22 -23.21 -3.55
N PHE A 108 7.96 -22.27 -2.98
CA PHE A 108 7.60 -21.69 -1.69
C PHE A 108 6.20 -21.05 -1.68
N LEU A 109 5.82 -20.39 -2.77
CA LEU A 109 4.48 -19.80 -2.89
C LEU A 109 3.41 -20.87 -2.95
N TYR A 110 3.64 -21.93 -3.75
CA TYR A 110 2.70 -23.07 -3.84
C TYR A 110 2.56 -23.72 -2.46
N THR A 111 3.69 -23.93 -1.81
CA THR A 111 3.72 -24.48 -0.46
C THR A 111 2.87 -23.61 0.47
N GLN A 112 3.02 -22.29 0.37
CA GLN A 112 2.27 -21.36 1.22
C GLN A 112 0.78 -21.41 0.95
N LEU A 113 0.42 -21.59 -0.31
CA LEU A 113 -0.96 -21.81 -0.64
C LEU A 113 -1.43 -23.11 0.00
N GLU A 114 -0.64 -24.18 -0.14
CA GLU A 114 -1.00 -25.47 0.45
C GLU A 114 -1.21 -25.32 1.95
N LEU A 115 -0.28 -24.62 2.60
CA LEU A 115 -0.33 -24.39 4.04
C LEU A 115 -1.62 -23.70 4.49
N TYR A 116 -2.12 -22.77 3.68
CA TYR A 116 -3.35 -22.05 4.01
C TYR A 116 -4.57 -22.97 4.01
N LEU A 117 -4.71 -23.75 2.95
CA LEU A 117 -5.89 -24.61 2.80
C LEU A 117 -5.73 -25.96 3.52
N ASN A 118 -4.94 -26.00 4.58
CA ASN A 118 -4.73 -27.26 5.27
C ASN A 118 -5.67 -27.38 6.45
N ASN A 119 -5.74 -26.33 7.25
CA ASN A 119 -6.62 -26.28 8.41
C ASN A 119 -6.66 -24.85 8.91
N LYS A 120 -7.79 -24.45 9.50
CA LYS A 120 -7.96 -23.08 9.95
C LYS A 120 -6.88 -22.62 10.94
N ASP A 121 -6.30 -23.56 11.70
CA ASP A 121 -5.25 -23.22 12.65
C ASP A 121 -3.97 -22.82 11.92
N ASP A 122 -3.74 -23.41 10.74
CA ASP A 122 -2.53 -23.17 9.97
C ASP A 122 -2.60 -21.92 9.10
N GLN A 123 -3.81 -21.38 8.89
CA GLN A 123 -3.96 -20.19 8.05
C GLN A 123 -3.17 -19.00 8.59
N LYS A 124 -3.01 -18.94 9.91
CA LYS A 124 -2.32 -17.84 10.54
C LYS A 124 -0.84 -17.90 10.26
N ARG A 125 -0.36 -19.08 9.91
CA ARG A 125 1.06 -19.27 9.64
C ARG A 125 1.38 -18.98 8.18
N SER A 126 0.35 -18.97 7.34
CA SER A 126 0.53 -18.75 5.91
C SER A 126 0.68 -17.27 5.59
N ILE A 127 1.62 -16.95 4.71
CA ILE A 127 1.80 -15.57 4.25
C ILE A 127 0.65 -15.04 3.37
N PHE A 128 -0.23 -15.92 2.90
CA PHE A 128 -1.37 -15.48 2.10
C PHE A 128 -2.60 -15.28 2.96
N GLN A 129 -3.53 -14.48 2.44
CA GLN A 129 -4.83 -14.32 3.07
C GLN A 129 -5.85 -14.10 1.98
N LYS A 130 -7.13 -14.23 2.30
CA LYS A 130 -8.16 -13.94 1.29
C LYS A 130 -8.16 -12.48 0.80
N SER A 131 -8.53 -12.29 -0.46
CA SER A 131 -8.67 -10.94 -1.00
C SER A 131 -10.12 -10.63 -1.29
N GLU A 132 -10.55 -9.43 -0.91
CA GLU A 132 -11.92 -8.96 -1.13
C GLU A 132 -12.29 -9.05 -2.61
N ARG A 133 -11.28 -8.95 -3.47
CA ARG A 133 -11.45 -9.04 -4.91
C ARG A 133 -11.60 -10.47 -5.41
N GLY A 134 -11.44 -11.43 -4.50
CA GLY A 134 -11.46 -12.83 -4.87
C GLY A 134 -10.03 -13.32 -4.87
N GLY A 135 -9.84 -14.62 -4.63
CA GLY A 135 -8.53 -15.21 -4.60
C GLY A 135 -7.69 -14.82 -3.40
N PHE A 136 -6.37 -14.82 -3.59
CA PHE A 136 -5.43 -14.62 -2.48
C PHE A 136 -4.45 -13.46 -2.70
N ARG A 137 -3.97 -12.92 -1.59
CA ARG A 137 -3.01 -11.83 -1.58
C ARG A 137 -2.02 -12.01 -0.46
N LEU A 138 -0.92 -11.27 -0.50
CA LEU A 138 0.03 -11.36 0.58
C LEU A 138 -0.45 -10.54 1.75
N LYS A 139 -0.07 -10.97 2.94
CA LYS A 139 -0.33 -10.20 4.13
C LYS A 139 0.46 -8.91 3.98
N GLU A 140 0.00 -7.87 4.66
CA GLU A 140 0.36 -6.49 4.40
C GLU A 140 1.82 -6.15 4.68
N ASN A 141 2.59 -7.06 5.25
CA ASN A 141 3.96 -6.71 5.61
C ASN A 141 5.04 -7.57 5.00
N VAL A 142 4.64 -8.38 4.04
CA VAL A 142 5.53 -9.34 3.40
C VAL A 142 6.23 -8.70 2.20
N GLN A 143 7.56 -8.75 2.14
CA GLN A 143 8.27 -8.28 0.95
C GLN A 143 9.24 -9.35 0.45
N PHE A 144 9.48 -9.38 -0.85
CA PHE A 144 10.50 -10.26 -1.39
C PHE A 144 11.64 -9.50 -2.03
N HIS A 145 12.86 -9.97 -1.86
CA HIS A 145 14.02 -9.26 -2.40
C HIS A 145 14.93 -10.19 -3.17
N LEU A 146 15.32 -9.73 -4.34
CA LEU A 146 16.18 -10.52 -5.20
C LEU A 146 17.67 -10.19 -4.99
N TYR A 147 18.48 -11.23 -4.80
CA TYR A 147 19.93 -11.03 -4.78
C TYR A 147 20.54 -11.74 -5.96
N ILE A 148 21.40 -11.03 -6.66
CA ILE A 148 22.25 -11.62 -7.69
C ILE A 148 23.69 -11.24 -7.43
N SER A 149 24.59 -12.20 -7.50
CA SER A 149 25.97 -11.90 -7.14
C SER A 149 26.63 -10.99 -8.21
N THR A 150 25.92 -10.71 -9.28
CA THR A 150 26.48 -9.94 -10.38
C THR A 150 25.33 -9.31 -11.18
N SER A 151 25.60 -8.31 -12.02
CA SER A 151 24.54 -7.75 -12.84
C SER A 151 24.00 -8.76 -13.86
N PRO A 152 22.66 -8.80 -14.03
CA PRO A 152 21.99 -9.75 -14.91
C PRO A 152 22.37 -9.53 -16.35
N CYS A 153 22.59 -10.58 -17.13
CA CYS A 153 23.01 -10.43 -18.51
C CYS A 153 21.96 -9.67 -19.32
N GLY A 154 22.42 -9.02 -20.38
CA GLY A 154 21.55 -8.10 -21.11
C GLY A 154 21.82 -6.64 -20.76
N ASP A 155 20.77 -5.82 -20.87
CA ASP A 155 20.89 -4.38 -20.83
C ASP A 155 21.59 -3.83 -19.57
N ALA A 156 21.46 -4.51 -18.43
CA ALA A 156 22.16 -4.05 -17.23
C ALA A 156 23.66 -4.40 -17.22
N ARG A 157 24.08 -5.41 -17.98
CA ARG A 157 25.49 -5.83 -17.92
C ARG A 157 26.30 -5.64 -19.19
N ILE A 158 25.64 -5.63 -20.35
CA ILE A 158 26.38 -5.68 -21.61
C ILE A 158 27.30 -4.48 -21.82
N PHE A 159 26.87 -3.28 -21.46
CA PHE A 159 27.79 -2.13 -21.50
C PHE A 159 28.44 -2.07 -20.13
N SER A 160 29.76 -2.00 -20.14
CA SER A 160 30.56 -2.12 -18.92
C SER A 160 30.20 -3.37 -18.13
N PRO A 161 30.85 -4.50 -18.44
CA PRO A 161 30.72 -5.77 -17.71
C PRO A 161 31.75 -5.81 -16.62
N HIS A 162 32.36 -4.65 -16.34
CA HIS A 162 33.45 -4.59 -15.38
C HIS A 162 33.08 -3.49 -14.39
N GLU A 163 33.52 -3.64 -13.14
CA GLU A 163 33.20 -2.68 -12.06
C GLU A 163 33.34 -1.22 -12.46
N PRO A 164 32.42 -0.35 -11.99
CA PRO A 164 32.69 1.04 -12.38
C PRO A 164 33.95 1.48 -11.66
N ILE A 165 34.65 2.47 -12.19
CA ILE A 165 35.88 2.87 -11.56
C ILE A 165 35.52 4.07 -10.67
N LEU A 166 34.24 4.09 -10.30
CA LEU A 166 33.59 5.21 -9.62
C LEU A 166 33.98 6.47 -10.37
N GLU A 167 34.17 7.57 -9.65
CA GLU A 167 34.23 8.89 -10.29
C GLU A 167 32.89 9.18 -10.97
N GLU A 168 31.86 8.47 -10.56
CA GLU A 168 30.55 8.54 -11.22
C GLU A 168 30.65 8.37 -12.73
N PRO A 169 31.31 7.29 -13.20
CA PRO A 169 31.64 7.20 -14.63
C PRO A 169 30.38 6.94 -15.43
N ALA A 170 29.42 7.86 -15.37
CA ALA A 170 28.14 7.71 -16.03
C ALA A 170 28.30 7.34 -17.50
N ASP A 171 27.21 6.89 -18.09
CA ASP A 171 27.23 6.46 -19.47
C ASP A 171 27.54 7.65 -20.38
N ARG A 172 28.73 7.68 -20.96
CA ARG A 172 29.11 8.76 -21.87
C ARG A 172 28.27 8.77 -23.15
N HIS A 173 27.70 7.62 -23.49
CA HIS A 173 26.86 7.50 -24.69
C HIS A 173 25.50 6.88 -24.42
N PRO A 174 24.68 7.54 -23.58
CA PRO A 174 23.39 7.03 -23.09
C PRO A 174 22.25 6.98 -24.14
N ASN A 175 22.43 7.60 -25.28
CA ASN A 175 21.39 7.62 -26.28
C ASN A 175 21.66 6.81 -27.51
N ARG A 176 22.54 5.82 -27.42
CA ARG A 176 22.76 4.99 -28.58
C ARG A 176 21.52 4.17 -28.84
N LYS A 177 21.29 3.82 -30.09
CA LYS A 177 20.14 3.00 -30.45
C LYS A 177 20.23 1.71 -29.65
N ALA A 178 21.45 1.24 -29.44
CA ALA A 178 21.72 -0.05 -28.78
C ALA A 178 21.35 -0.15 -27.31
N ARG A 179 21.06 0.96 -26.64
CA ARG A 179 20.66 0.93 -25.23
C ARG A 179 19.20 0.55 -25.03
N GLY A 180 18.93 -0.19 -23.98
CA GLY A 180 17.56 -0.58 -23.66
C GLY A 180 16.99 -1.65 -24.57
N GLN A 181 17.80 -2.05 -25.55
CA GLN A 181 17.40 -3.08 -26.48
C GLN A 181 17.18 -4.40 -25.78
N LEU A 182 16.11 -5.08 -26.17
CA LEU A 182 15.92 -6.49 -25.83
C LEU A 182 17.08 -7.29 -26.34
N ARG A 183 17.53 -8.23 -25.54
CA ARG A 183 18.61 -9.11 -25.98
C ARG A 183 18.39 -10.54 -25.54
N THR A 184 18.89 -11.47 -26.35
CA THR A 184 18.73 -12.90 -26.10
C THR A 184 20.07 -13.61 -25.92
N LYS A 185 20.11 -14.57 -25.01
CA LYS A 185 21.24 -15.48 -24.87
C LYS A 185 21.20 -16.28 -26.14
N ILE A 186 22.33 -16.39 -26.84
CA ILE A 186 22.36 -17.23 -28.04
C ILE A 186 23.05 -18.62 -27.81
N GLU A 187 22.43 -19.69 -28.30
CA GLU A 187 23.08 -20.98 -28.13
C GLU A 187 24.45 -21.08 -28.83
N SER A 188 25.45 -21.65 -28.16
CA SER A 188 26.77 -21.89 -28.76
C SER A 188 27.48 -20.62 -29.22
N GLY A 189 27.23 -19.52 -28.51
CA GLY A 189 27.93 -18.28 -28.79
C GLY A 189 27.88 -17.42 -27.55
N GLU A 190 28.87 -16.56 -27.39
CA GLU A 190 28.88 -15.72 -26.21
C GLU A 190 28.18 -14.38 -26.47
N GLY A 191 28.17 -13.56 -25.42
CA GLY A 191 27.45 -12.30 -25.41
C GLY A 191 25.95 -12.49 -25.50
N THR A 192 25.22 -11.38 -25.51
CA THR A 192 23.77 -11.42 -25.65
C THR A 192 23.41 -10.42 -26.74
N ILE A 193 22.56 -10.84 -27.67
CA ILE A 193 22.41 -10.10 -28.91
C ILE A 193 20.99 -9.54 -29.11
N PRO A 194 20.87 -8.40 -29.82
CA PRO A 194 19.55 -7.78 -30.03
C PRO A 194 18.59 -8.73 -30.73
N VAL A 195 17.29 -8.50 -30.62
CA VAL A 195 16.34 -9.37 -31.31
C VAL A 195 16.00 -8.82 -32.70
N ARG A 196 16.02 -7.51 -32.87
CA ARG A 196 15.76 -6.89 -34.18
C ARG A 196 16.58 -7.51 -35.30
N SER A 197 17.89 -7.54 -35.08
CA SER A 197 18.87 -8.00 -36.05
C SER A 197 18.85 -9.54 -36.20
N ASN A 198 18.08 -10.21 -35.35
CA ASN A 198 17.80 -11.63 -35.48
C ASN A 198 16.29 -11.88 -35.49
N ALA A 199 15.68 -11.97 -36.68
CA ALA A 199 14.21 -12.04 -36.82
C ALA A 199 13.63 -13.05 -35.85
N SER A 200 12.33 -13.02 -35.64
CA SER A 200 11.78 -13.77 -34.53
C SER A 200 11.10 -15.08 -34.94
N ILE A 201 10.30 -15.60 -34.00
CA ILE A 201 9.55 -16.86 -34.06
C ILE A 201 10.41 -18.09 -34.36
N GLN A 202 10.78 -18.74 -33.26
CA GLN A 202 11.51 -19.98 -33.27
C GLN A 202 10.61 -21.17 -33.60
N THR A 203 11.22 -22.24 -34.07
CA THR A 203 10.49 -23.46 -34.39
C THR A 203 11.13 -24.69 -33.73
N TRP A 204 10.32 -25.70 -33.42
CA TRP A 204 10.87 -26.86 -32.72
C TRP A 204 11.89 -27.54 -33.61
N ASP A 205 11.42 -27.98 -34.76
CA ASP A 205 12.27 -28.67 -35.71
C ASP A 205 13.40 -27.80 -36.23
N GLY A 206 13.15 -26.49 -36.33
CA GLY A 206 14.18 -25.56 -36.74
C GLY A 206 15.36 -25.66 -35.77
N VAL A 207 15.06 -25.57 -34.47
CA VAL A 207 16.08 -25.78 -33.45
C VAL A 207 16.74 -27.15 -33.51
N LEU A 208 15.95 -28.23 -33.58
CA LEU A 208 16.52 -29.57 -33.59
C LEU A 208 17.55 -29.79 -34.71
N GLN A 209 17.36 -29.06 -35.80
CA GLN A 209 18.21 -29.10 -36.97
C GLN A 209 19.55 -28.42 -36.78
N GLY A 210 19.56 -27.35 -36.00
CA GLY A 210 20.77 -26.59 -35.80
C GLY A 210 20.51 -25.11 -35.62
N GLU A 211 19.27 -24.68 -35.78
CA GLU A 211 18.97 -23.28 -35.55
C GLU A 211 19.33 -23.02 -34.07
N ARG A 212 20.07 -21.95 -33.80
CA ARG A 212 20.51 -21.68 -32.44
C ARG A 212 19.35 -21.29 -31.54
N LEU A 213 19.24 -21.96 -30.39
CA LEU A 213 18.19 -21.64 -29.44
C LEU A 213 18.43 -20.28 -28.84
N LEU A 214 17.37 -19.45 -28.88
CA LEU A 214 17.40 -18.10 -28.34
C LEU A 214 16.60 -18.05 -27.05
N THR A 215 17.25 -17.56 -25.99
CA THR A 215 16.62 -17.42 -24.68
C THR A 215 16.74 -15.95 -24.26
N MET A 216 15.64 -15.34 -23.77
CA MET A 216 15.70 -13.91 -23.40
C MET A 216 16.70 -13.65 -22.27
N SER A 217 17.34 -12.49 -22.31
CA SER A 217 18.34 -12.14 -21.30
C SER A 217 17.70 -11.96 -19.94
N CYS A 218 18.49 -12.17 -18.90
CA CYS A 218 17.97 -12.06 -17.54
C CYS A 218 17.51 -10.64 -17.26
N SER A 219 18.14 -9.67 -17.92
CA SER A 219 17.71 -8.28 -17.78
C SER A 219 16.30 -8.06 -18.27
N ASP A 220 15.98 -8.69 -19.39
CA ASP A 220 14.67 -8.53 -19.98
C ASP A 220 13.64 -9.32 -19.16
N LYS A 221 14.06 -10.44 -18.61
CA LYS A 221 13.14 -11.26 -17.86
C LYS A 221 12.72 -10.56 -16.58
N ILE A 222 13.65 -9.85 -15.96
CA ILE A 222 13.32 -9.21 -14.70
C ILE A 222 12.45 -7.98 -14.98
N ALA A 223 12.76 -7.23 -16.04
CA ALA A 223 11.94 -6.08 -16.46
C ALA A 223 10.52 -6.56 -16.57
N ARG A 224 10.38 -7.75 -17.14
CA ARG A 224 9.11 -8.46 -17.26
C ARG A 224 8.52 -8.75 -15.88
N TRP A 225 9.35 -9.21 -14.95
CA TRP A 225 8.86 -9.48 -13.61
C TRP A 225 8.37 -8.21 -12.99
N ASN A 226 8.93 -7.09 -13.41
CA ASN A 226 8.54 -5.78 -12.88
C ASN A 226 7.23 -5.27 -13.48
N VAL A 227 6.64 -6.00 -14.40
CA VAL A 227 5.31 -5.67 -14.87
C VAL A 227 4.27 -6.75 -14.52
N VAL A 228 4.49 -7.99 -14.94
CA VAL A 228 3.50 -9.04 -14.69
C VAL A 228 3.73 -9.80 -13.39
N GLY A 229 4.79 -9.44 -12.68
CA GLY A 229 5.04 -10.03 -11.37
C GLY A 229 5.79 -11.34 -11.46
N ILE A 230 6.28 -11.81 -10.32
CA ILE A 230 7.16 -12.96 -10.30
C ILE A 230 6.43 -14.30 -10.18
N GLN A 231 5.14 -14.26 -9.91
CA GLN A 231 4.41 -15.51 -9.70
C GLN A 231 4.12 -16.22 -11.02
N GLY A 232 4.19 -15.48 -12.14
CA GLY A 232 3.88 -16.08 -13.42
C GLY A 232 2.40 -16.40 -13.63
N SER A 233 2.06 -16.90 -14.82
CA SER A 233 0.65 -17.13 -15.17
C SER A 233 -0.11 -18.12 -14.29
N LEU A 234 0.39 -19.34 -14.11
CA LEU A 234 -0.40 -20.33 -13.39
C LEU A 234 -0.75 -19.90 -11.96
N LEU A 235 0.25 -19.53 -11.18
CA LEU A 235 -0.01 -19.04 -9.83
C LEU A 235 -0.86 -17.75 -9.78
N SER A 236 -0.93 -17.00 -10.89
CA SER A 236 -1.74 -15.77 -10.90
C SER A 236 -3.24 -16.05 -10.93
N ILE A 237 -3.61 -17.31 -11.14
CA ILE A 237 -5.02 -17.69 -11.09
C ILE A 237 -5.48 -17.75 -9.62
N PHE A 238 -4.55 -18.08 -8.74
CA PHE A 238 -4.89 -18.15 -7.33
C PHE A 238 -4.64 -16.82 -6.65
N VAL A 239 -3.48 -16.25 -6.92
CA VAL A 239 -3.04 -15.09 -6.17
C VAL A 239 -2.95 -13.82 -7.01
N GLU A 240 -2.85 -12.69 -6.33
CA GLU A 240 -2.74 -11.38 -6.94
C GLU A 240 -1.26 -11.09 -7.14
N PRO A 241 -0.93 -10.30 -8.16
CA PRO A 241 0.44 -10.08 -8.62
C PRO A 241 1.40 -9.67 -7.51
N ILE A 242 2.54 -10.36 -7.45
CA ILE A 242 3.58 -10.14 -6.47
C ILE A 242 4.83 -9.54 -7.10
N TYR A 243 5.39 -8.51 -6.48
CA TYR A 243 6.62 -7.94 -7.00
C TYR A 243 7.78 -8.00 -5.99
N PHE A 244 8.98 -8.07 -6.53
CA PHE A 244 10.19 -7.92 -5.73
C PHE A 244 10.20 -6.50 -5.24
N SER A 245 10.49 -6.30 -3.95
CA SER A 245 10.66 -4.95 -3.38
C SER A 245 12.02 -4.35 -3.71
N SER A 246 13.00 -5.22 -3.91
CA SER A 246 14.40 -4.82 -4.11
C SER A 246 15.17 -5.73 -5.06
N ILE A 247 16.17 -5.18 -5.72
CA ILE A 247 17.13 -5.96 -6.48
C ILE A 247 18.57 -5.59 -6.08
N ILE A 248 19.26 -6.53 -5.45
CA ILE A 248 20.59 -6.28 -4.94
C ILE A 248 21.65 -7.01 -5.76
N LEU A 249 22.71 -6.28 -6.12
CA LEU A 249 23.78 -6.86 -6.90
C LEU A 249 25.05 -6.96 -6.07
N GLY A 250 25.61 -8.17 -6.06
CA GLY A 250 26.84 -8.43 -5.33
C GLY A 250 28.08 -7.95 -6.04
N SER A 251 27.91 -7.51 -7.28
CA SER A 251 29.01 -7.02 -8.07
C SER A 251 28.49 -6.34 -9.32
N LEU A 252 29.40 -5.73 -10.08
CA LEU A 252 29.10 -5.19 -11.41
C LEU A 252 27.87 -4.25 -11.45
N TYR A 253 27.78 -3.40 -10.44
CA TYR A 253 26.67 -2.49 -10.31
C TYR A 253 26.90 -1.15 -10.98
N HIS A 254 26.05 -0.81 -11.92
CA HIS A 254 26.05 0.51 -12.53
C HIS A 254 24.63 1.04 -12.44
N GLY A 255 24.40 1.96 -11.52
CA GLY A 255 23.07 2.47 -11.25
C GLY A 255 22.29 2.87 -12.48
N ASP A 256 22.93 3.61 -13.38
CA ASP A 256 22.23 4.11 -14.55
C ASP A 256 21.76 2.98 -15.46
N HIS A 257 22.66 2.02 -15.67
CA HIS A 257 22.40 0.89 -16.54
C HIS A 257 21.32 -0.04 -15.99
N LEU A 258 21.44 -0.42 -14.71
CA LEU A 258 20.48 -1.31 -14.10
C LEU A 258 19.07 -0.74 -14.10
N SER A 259 18.93 0.52 -13.68
CA SER A 259 17.62 1.21 -13.69
C SER A 259 16.96 1.35 -15.08
N ARG A 260 17.75 1.54 -16.14
CA ARG A 260 17.19 1.51 -17.50
C ARG A 260 16.62 0.15 -17.75
N ALA A 261 17.46 -0.85 -17.54
CA ALA A 261 17.13 -2.21 -17.88
C ALA A 261 16.00 -2.72 -17.03
N MET A 262 15.93 -2.29 -15.78
CA MET A 262 14.92 -2.84 -14.85
C MET A 262 13.53 -2.24 -15.00
N TYR A 263 13.46 -0.99 -15.45
CA TYR A 263 12.15 -0.40 -15.70
C TYR A 263 12.10 0.82 -16.62
N GLN A 264 13.06 1.74 -16.50
CA GLN A 264 12.93 3.07 -17.12
C GLN A 264 12.60 2.97 -18.60
N ARG A 265 13.12 1.93 -19.25
CA ARG A 265 13.01 1.79 -20.70
C ARG A 265 11.60 1.43 -21.15
N ILE A 266 10.73 1.01 -20.23
CA ILE A 266 9.35 0.70 -20.60
C ILE A 266 8.34 1.56 -19.86
N SER A 267 8.76 2.75 -19.43
CA SER A 267 7.86 3.66 -18.72
C SER A 267 6.69 4.13 -19.60
N ASN A 268 6.80 3.86 -20.90
CA ASN A 268 5.73 4.13 -21.84
C ASN A 268 4.60 3.11 -21.83
N ILE A 269 4.60 2.20 -20.86
CA ILE A 269 3.62 1.11 -20.91
C ILE A 269 2.26 1.60 -20.45
N GLU A 270 1.20 1.28 -21.19
CA GLU A 270 -0.11 1.79 -20.83
C GLU A 270 -1.18 0.71 -20.86
N ASP A 271 -2.28 0.97 -20.16
CA ASP A 271 -3.45 0.08 -20.15
C ASP A 271 -3.16 -1.27 -19.53
N LEU A 272 -2.42 -1.26 -18.44
CA LEU A 272 -2.23 -2.48 -17.68
C LEU A 272 -3.55 -2.85 -17.04
N PRO A 273 -3.80 -4.16 -16.88
CA PRO A 273 -5.01 -4.63 -16.21
C PRO A 273 -4.98 -4.27 -14.73
N PRO A 274 -6.13 -4.36 -14.03
CA PRO A 274 -6.20 -4.10 -12.59
C PRO A 274 -5.25 -4.94 -11.73
N LEU A 275 -4.59 -4.24 -10.80
CA LEU A 275 -3.60 -4.69 -9.82
C LEU A 275 -2.19 -4.78 -10.40
N TYR A 276 -2.09 -4.79 -11.73
CA TYR A 276 -0.81 -4.83 -12.42
C TYR A 276 -0.27 -3.42 -12.61
N THR A 277 1.06 -3.26 -12.60
CA THR A 277 1.70 -1.95 -12.70
C THR A 277 3.17 -2.07 -13.07
N LEU A 278 3.79 -0.98 -13.53
CA LEU A 278 5.24 -0.98 -13.69
C LEU A 278 5.88 -0.78 -12.34
N ASN A 279 6.42 -1.86 -11.76
CA ASN A 279 7.08 -1.85 -10.45
C ASN A 279 8.48 -1.27 -10.48
N LYS A 280 8.75 -0.31 -9.61
CA LYS A 280 10.11 0.22 -9.52
C LYS A 280 10.68 -0.11 -8.16
N PRO A 281 11.45 -1.21 -8.10
CA PRO A 281 12.05 -1.68 -6.84
C PRO A 281 13.28 -0.87 -6.45
N LEU A 282 13.68 -1.06 -5.20
CA LEU A 282 14.95 -0.57 -4.72
C LEU A 282 16.08 -1.23 -5.47
N LEU A 283 16.98 -0.44 -6.04
CA LEU A 283 18.16 -0.98 -6.70
C LEU A 283 19.37 -0.61 -5.87
N SER A 284 20.32 -1.54 -5.73
CA SER A 284 21.50 -1.23 -4.93
C SER A 284 22.66 -2.22 -5.11
N GLY A 285 23.88 -1.72 -4.93
CA GLY A 285 25.03 -2.58 -4.83
C GLY A 285 25.20 -2.90 -3.37
N ILE A 286 26.23 -3.67 -3.04
CA ILE A 286 26.51 -3.95 -1.63
C ILE A 286 27.77 -3.19 -1.22
N SER A 287 28.03 -3.15 0.09
CA SER A 287 29.16 -2.38 0.61
C SER A 287 30.51 -3.01 0.27
N ASN A 288 30.61 -4.32 0.38
CA ASN A 288 31.81 -5.03 -0.02
C ASN A 288 31.51 -5.95 -1.20
N ALA A 289 31.75 -5.44 -2.39
CA ALA A 289 31.38 -6.15 -3.60
C ALA A 289 32.11 -7.50 -3.66
N GLU A 290 31.44 -8.52 -4.20
CA GLU A 290 32.04 -9.84 -4.35
C GLU A 290 33.20 -9.85 -5.32
N ALA A 291 34.17 -10.72 -5.04
CA ALA A 291 35.26 -10.87 -5.99
C ALA A 291 34.85 -11.83 -7.11
N ARG A 292 35.47 -11.67 -8.27
CA ARG A 292 35.21 -12.52 -9.43
C ARG A 292 35.67 -13.91 -9.09
N GLN A 293 34.92 -14.91 -9.53
CA GLN A 293 35.15 -16.29 -9.08
C GLN A 293 36.11 -17.06 -9.99
N PRO A 294 37.00 -17.83 -9.36
CA PRO A 294 38.12 -18.53 -10.00
C PRO A 294 37.74 -19.74 -10.86
N GLY A 295 38.44 -19.88 -11.98
CA GLY A 295 38.29 -21.05 -12.82
C GLY A 295 37.18 -21.09 -13.84
N LYS A 296 37.16 -22.19 -14.58
CA LYS A 296 36.19 -22.43 -15.64
C LYS A 296 34.81 -22.43 -15.01
N ALA A 297 33.79 -22.04 -15.78
CA ALA A 297 32.42 -21.98 -15.25
C ALA A 297 31.71 -23.34 -15.34
N PRO A 298 31.25 -23.84 -14.18
CA PRO A 298 30.61 -25.15 -14.05
C PRO A 298 29.32 -25.36 -14.86
N ASN A 299 29.20 -26.57 -15.40
CA ASN A 299 28.06 -26.94 -16.24
C ASN A 299 26.81 -27.17 -15.44
N PHE A 300 26.92 -27.08 -14.13
CA PHE A 300 25.78 -27.41 -13.31
C PHE A 300 25.21 -26.21 -12.61
N SER A 301 23.95 -26.34 -12.26
CA SER A 301 23.20 -25.26 -11.68
C SER A 301 22.52 -25.76 -10.43
N VAL A 302 22.85 -25.14 -9.29
CA VAL A 302 22.34 -25.59 -8.00
C VAL A 302 21.06 -24.84 -7.62
N ASN A 303 20.13 -25.51 -6.94
CA ASN A 303 18.96 -24.82 -6.42
C ASN A 303 18.41 -25.41 -5.12
N TRP A 304 17.83 -24.54 -4.30
CA TRP A 304 17.29 -24.89 -2.98
C TRP A 304 16.15 -23.94 -2.63
N THR A 305 15.14 -24.43 -1.91
CA THR A 305 14.02 -23.61 -1.42
C THR A 305 13.78 -23.90 0.04
N VAL A 306 13.52 -22.87 0.84
CA VAL A 306 13.44 -23.03 2.29
C VAL A 306 12.43 -24.14 2.62
N GLY A 307 12.87 -25.06 3.48
CA GLY A 307 12.12 -26.27 3.76
C GLY A 307 12.78 -27.53 3.20
N ASP A 308 13.52 -27.39 2.11
CA ASP A 308 14.13 -28.56 1.48
C ASP A 308 15.20 -29.17 2.36
N SER A 309 15.32 -30.49 2.31
CA SER A 309 16.37 -31.21 3.04
C SER A 309 17.69 -31.05 2.31
N ALA A 310 17.68 -31.15 0.98
CA ALA A 310 18.92 -30.94 0.23
C ALA A 310 18.80 -29.94 -0.92
N ILE A 311 19.96 -29.61 -1.50
CA ILE A 311 20.01 -28.81 -2.71
C ILE A 311 19.73 -29.75 -3.87
N GLU A 312 19.46 -29.19 -5.04
CA GLU A 312 19.35 -30.00 -6.24
C GLU A 312 20.40 -29.56 -7.21
N VAL A 313 21.04 -30.52 -7.88
CA VAL A 313 22.09 -30.17 -8.81
C VAL A 313 21.66 -30.54 -10.20
N ILE A 314 21.65 -29.54 -11.09
CA ILE A 314 21.16 -29.71 -12.45
C ILE A 314 22.25 -29.50 -13.50
N ASN A 315 22.30 -30.40 -14.46
CA ASN A 315 23.12 -30.23 -15.63
C ASN A 315 22.41 -29.21 -16.53
N ALA A 316 22.95 -28.00 -16.58
CA ALA A 316 22.35 -26.87 -17.32
C ALA A 316 22.22 -27.20 -18.81
N THR A 317 23.14 -28.03 -19.29
CA THR A 317 23.22 -28.44 -20.67
C THR A 317 22.02 -29.23 -21.08
N THR A 318 21.54 -30.05 -20.16
CA THR A 318 20.45 -30.96 -20.45
C THR A 318 19.11 -30.58 -19.80
N GLY A 319 19.17 -29.81 -18.71
CA GLY A 319 17.96 -29.42 -17.97
C GLY A 319 17.48 -30.46 -16.96
N LYS A 320 18.25 -31.54 -16.84
CA LYS A 320 17.97 -32.61 -15.89
C LYS A 320 19.18 -32.84 -15.00
N ASP A 321 19.03 -33.72 -14.01
CA ASP A 321 20.10 -34.02 -13.07
C ASP A 321 20.99 -35.14 -13.62
N GLU A 322 21.98 -35.57 -12.83
CA GLU A 322 23.02 -36.48 -13.30
C GLU A 322 22.48 -37.86 -13.77
N LEU A 323 21.39 -38.32 -13.16
CA LEU A 323 20.80 -39.59 -13.55
C LEU A 323 19.67 -39.44 -14.57
N GLY A 324 19.55 -38.26 -15.15
CA GLY A 324 18.52 -38.01 -16.14
C GLY A 324 17.12 -37.82 -15.57
N ARG A 325 17.03 -37.43 -14.30
CA ARG A 325 15.75 -37.15 -13.67
C ARG A 325 15.28 -35.68 -13.79
N ALA A 326 13.96 -35.50 -13.86
CA ALA A 326 13.40 -34.17 -14.05
C ALA A 326 13.59 -33.36 -12.78
N SER A 327 13.74 -32.05 -12.94
CA SER A 327 13.96 -31.18 -11.78
C SER A 327 12.67 -30.85 -11.05
N ARG A 328 12.79 -30.43 -9.79
CA ARG A 328 11.60 -30.01 -9.05
C ARG A 328 11.12 -28.67 -9.57
N LEU A 329 11.90 -28.04 -10.45
CA LEU A 329 11.60 -26.69 -10.93
C LEU A 329 11.09 -26.69 -12.36
N CYS A 330 11.14 -27.82 -13.04
CA CYS A 330 10.64 -27.92 -14.42
C CYS A 330 9.14 -27.67 -14.55
N LYS A 331 8.72 -27.39 -15.77
CA LYS A 331 7.33 -27.14 -16.07
C LYS A 331 6.41 -28.24 -15.54
N HIS A 332 6.82 -29.49 -15.70
CA HIS A 332 5.94 -30.61 -15.39
C HIS A 332 5.65 -30.72 -13.90
N ALA A 333 6.62 -30.41 -13.05
CA ALA A 333 6.44 -30.45 -11.61
C ALA A 333 5.60 -29.27 -11.11
N LEU A 334 5.97 -28.07 -11.55
CA LEU A 334 5.23 -26.84 -11.20
C LEU A 334 3.76 -27.00 -11.57
N TYR A 335 3.52 -27.62 -12.73
CA TYR A 335 2.18 -27.90 -13.16
C TYR A 335 1.52 -28.88 -12.20
N CYS A 336 2.28 -29.84 -11.69
CA CYS A 336 1.68 -30.82 -10.81
C CYS A 336 1.25 -30.16 -9.51
N ARG A 337 2.13 -29.30 -8.98
CA ARG A 337 1.82 -28.57 -7.75
C ARG A 337 0.57 -27.74 -7.95
N TRP A 338 0.55 -27.03 -9.09
CA TRP A 338 -0.59 -26.20 -9.42
C TRP A 338 -1.87 -27.03 -9.49
N MET A 339 -1.83 -28.14 -10.20
CA MET A 339 -3.00 -28.98 -10.33
C MET A 339 -3.54 -29.51 -8.99
N ARG A 340 -2.60 -29.87 -8.10
CA ARG A 340 -2.95 -30.39 -6.78
C ARG A 340 -3.63 -29.33 -5.93
N VAL A 341 -3.14 -28.11 -6.03
CA VAL A 341 -3.74 -27.02 -5.31
C VAL A 341 -5.09 -26.63 -5.94
N HIS A 342 -5.17 -26.66 -7.27
CA HIS A 342 -6.39 -26.26 -7.99
C HIS A 342 -7.63 -27.01 -7.53
N GLY A 343 -7.45 -28.23 -7.05
CA GLY A 343 -8.56 -29.03 -6.56
C GLY A 343 -8.89 -28.76 -5.11
N LYS A 344 -7.88 -28.32 -4.36
CA LYS A 344 -8.03 -28.01 -2.93
C LYS A 344 -8.60 -26.59 -2.74
N VAL A 345 -8.73 -25.85 -3.83
CA VAL A 345 -9.28 -24.49 -3.80
C VAL A 345 -10.67 -24.45 -4.41
N PRO A 346 -11.65 -23.99 -3.61
CA PRO A 346 -13.05 -23.91 -4.03
C PRO A 346 -13.24 -22.84 -5.08
N SER A 347 -14.11 -23.13 -6.04
CA SER A 347 -14.23 -22.36 -7.27
C SER A 347 -14.75 -20.94 -7.06
N HIS A 348 -15.32 -20.67 -5.89
CA HIS A 348 -15.74 -19.31 -5.58
C HIS A 348 -14.52 -18.51 -5.10
N LEU A 349 -13.39 -19.18 -4.95
CA LEU A 349 -12.17 -18.54 -4.42
C LEU A 349 -11.07 -18.31 -5.48
N LEU A 350 -11.35 -18.59 -6.74
CA LEU A 350 -10.41 -18.35 -7.84
C LEU A 350 -10.47 -16.93 -8.41
N ARG A 351 -9.32 -16.38 -8.83
CA ARG A 351 -9.30 -15.04 -9.42
C ARG A 351 -9.75 -15.10 -10.88
N SER A 352 -9.65 -16.27 -11.47
CA SER A 352 -10.17 -16.49 -12.81
C SER A 352 -10.89 -17.79 -12.92
N LYS A 353 -12.17 -17.70 -13.22
CA LYS A 353 -13.03 -18.85 -13.29
C LYS A 353 -13.13 -19.48 -14.71
N ILE A 354 -12.40 -18.94 -15.69
CA ILE A 354 -12.50 -19.50 -17.05
C ILE A 354 -11.82 -20.86 -17.07
N THR A 355 -12.53 -21.82 -17.61
CA THR A 355 -12.13 -23.20 -17.62
C THR A 355 -11.54 -23.69 -18.96
N LYS A 356 -10.37 -24.31 -18.90
CA LYS A 356 -9.69 -24.82 -20.08
C LYS A 356 -9.18 -26.24 -19.85
N PRO A 357 -8.88 -26.96 -20.95
CA PRO A 357 -8.42 -28.31 -20.75
C PRO A 357 -7.17 -28.36 -19.92
N ASN A 358 -6.76 -29.56 -19.53
CA ASN A 358 -5.64 -29.65 -18.65
C ASN A 358 -4.43 -30.04 -19.47
N VAL A 359 -4.11 -29.19 -20.43
CA VAL A 359 -2.79 -29.21 -21.05
C VAL A 359 -2.14 -27.86 -20.71
N TYR A 360 -0.82 -27.83 -20.61
CA TYR A 360 -0.09 -26.72 -19.98
C TYR A 360 -0.37 -25.37 -20.62
N HIS A 361 -0.16 -25.26 -21.92
CA HIS A 361 -0.31 -23.98 -22.58
C HIS A 361 -1.71 -23.43 -22.34
N GLU A 362 -2.69 -24.30 -22.47
CA GLU A 362 -4.09 -23.94 -22.30
C GLU A 362 -4.42 -23.42 -20.89
N SER A 363 -3.81 -24.02 -19.87
CA SER A 363 -4.11 -23.59 -18.52
C SER A 363 -3.54 -22.21 -18.23
N LYS A 364 -2.35 -21.94 -18.77
CA LYS A 364 -1.75 -20.63 -18.64
C LYS A 364 -2.64 -19.55 -19.26
N LEU A 365 -3.36 -19.93 -20.30
CA LEU A 365 -4.28 -19.02 -20.97
C LEU A 365 -5.49 -18.66 -20.12
N ALA A 366 -5.82 -19.47 -19.13
CA ALA A 366 -6.91 -19.08 -18.26
C ALA A 366 -6.60 -17.78 -17.50
N ALA A 367 -5.32 -17.46 -17.31
CA ALA A 367 -4.96 -16.18 -16.70
C ALA A 367 -5.07 -15.07 -17.74
N LYS A 368 -6.30 -14.62 -17.96
CA LYS A 368 -6.57 -13.65 -19.01
C LYS A 368 -5.91 -12.32 -18.69
N GLU A 369 -6.02 -11.85 -17.45
CA GLU A 369 -5.42 -10.57 -17.06
C GLU A 369 -3.91 -10.63 -17.11
N TYR A 370 -3.33 -11.71 -16.61
CA TYR A 370 -1.88 -11.88 -16.64
C TYR A 370 -1.44 -11.92 -18.09
N GLN A 371 -2.15 -12.71 -18.88
CA GLN A 371 -1.88 -12.81 -20.30
C GLN A 371 -1.98 -11.46 -20.97
N ALA A 372 -2.94 -10.65 -20.51
CA ALA A 372 -3.17 -9.30 -21.05
C ALA A 372 -1.99 -8.39 -20.73
N ALA A 373 -1.59 -8.42 -19.46
CA ALA A 373 -0.48 -7.62 -18.97
C ALA A 373 0.75 -7.86 -19.82
N LYS A 374 0.95 -9.12 -20.17
CA LYS A 374 2.06 -9.55 -21.01
C LYS A 374 2.02 -8.81 -22.34
N ALA A 375 0.83 -8.66 -22.91
CA ALA A 375 0.73 -8.02 -24.21
C ALA A 375 1.06 -6.55 -24.08
N ARG A 376 0.66 -5.94 -22.97
CA ARG A 376 0.98 -4.53 -22.73
C ARG A 376 2.48 -4.41 -22.64
N LEU A 377 3.10 -5.43 -22.05
CA LEU A 377 4.55 -5.46 -21.89
C LEU A 377 5.27 -5.65 -23.22
N PHE A 378 4.85 -6.64 -24.01
CA PHE A 378 5.50 -6.88 -25.30
C PHE A 378 5.41 -5.62 -26.12
N THR A 379 4.25 -5.00 -26.05
CA THR A 379 3.96 -3.79 -26.81
C THR A 379 4.80 -2.61 -26.35
N ALA A 380 5.00 -2.50 -25.04
CA ALA A 380 5.82 -1.43 -24.51
C ALA A 380 7.19 -1.46 -25.17
N PHE A 381 7.82 -2.63 -25.14
CA PHE A 381 9.15 -2.80 -25.71
C PHE A 381 9.18 -2.46 -27.17
N ILE A 382 8.16 -2.90 -27.89
CA ILE A 382 8.11 -2.67 -29.32
C ILE A 382 8.03 -1.19 -29.66
N LYS A 383 7.07 -0.50 -29.06
CA LYS A 383 6.84 0.91 -29.35
C LYS A 383 8.04 1.75 -28.95
N ALA A 384 8.74 1.31 -27.90
CA ALA A 384 9.97 1.95 -27.48
C ALA A 384 11.12 1.68 -28.46
N GLY A 385 10.83 0.91 -29.50
CA GLY A 385 11.82 0.55 -30.50
C GLY A 385 12.90 -0.35 -29.95
N LEU A 386 12.52 -1.24 -29.05
CA LEU A 386 13.47 -2.04 -28.31
C LEU A 386 13.36 -3.53 -28.68
N GLY A 387 12.62 -3.82 -29.74
CA GLY A 387 12.51 -5.17 -30.25
C GLY A 387 11.29 -5.95 -29.85
N ALA A 388 11.05 -7.03 -30.58
CA ALA A 388 9.94 -7.93 -30.28
C ALA A 388 10.45 -9.08 -29.42
N TRP A 389 9.69 -9.44 -28.39
CA TRP A 389 10.02 -10.54 -27.50
C TRP A 389 10.03 -11.86 -28.26
N VAL A 390 10.92 -12.74 -27.83
CA VAL A 390 11.12 -14.03 -28.48
C VAL A 390 10.73 -15.19 -27.58
N GLU A 391 9.77 -15.99 -28.02
CA GLU A 391 9.30 -17.11 -27.23
C GLU A 391 9.80 -18.46 -27.75
N LYS A 392 9.75 -19.47 -26.87
CA LYS A 392 10.02 -20.85 -27.27
C LYS A 392 8.98 -21.27 -28.33
N PRO A 393 9.33 -22.23 -29.21
CA PRO A 393 8.34 -22.74 -30.15
C PRO A 393 7.06 -23.17 -29.45
N THR A 394 5.90 -23.04 -30.08
CA THR A 394 4.64 -23.23 -29.34
C THR A 394 4.45 -24.68 -28.95
N GLU A 395 5.28 -25.53 -29.51
CA GLU A 395 5.28 -26.95 -29.22
C GLU A 395 5.69 -27.25 -27.77
N GLN A 396 6.55 -26.39 -27.21
CA GLN A 396 7.12 -26.57 -25.86
C GLN A 396 6.09 -26.77 -24.74
N ASP A 397 4.95 -26.09 -24.80
CA ASP A 397 3.97 -26.16 -23.72
C ASP A 397 2.74 -27.07 -24.04
N GLN A 398 2.83 -27.95 -25.04
CA GLN A 398 1.69 -28.82 -25.38
C GLN A 398 1.85 -30.19 -24.78
N PHE A 399 1.41 -30.34 -23.54
CA PHE A 399 1.55 -31.59 -22.83
C PHE A 399 0.58 -31.58 -21.68
N SER A 400 0.23 -32.77 -21.18
CA SER A 400 -0.70 -32.90 -20.06
C SER A 400 0.02 -33.61 -18.94
N LEU A 401 -0.69 -33.88 -17.86
CA LEU A 401 -0.07 -34.62 -16.78
C LEU A 401 -0.39 -36.09 -17.03
N THR A 402 0.51 -36.71 -17.79
CA THR A 402 0.43 -38.09 -18.28
C THR A 402 -1.00 -38.63 -18.45
N THR D 6 -41.29 23.45 8.77
CA THR D 6 -40.78 22.51 9.74
C THR D 6 -39.76 23.18 10.67
N PRO D 7 -40.15 23.36 11.95
CA PRO D 7 -39.28 23.76 13.07
C PRO D 7 -38.05 22.84 13.17
N SER D 8 -38.20 21.62 12.63
CA SER D 8 -37.15 20.60 12.62
C SER D 8 -36.02 20.95 11.66
N ARG D 9 -36.38 21.49 10.49
CA ARG D 9 -35.41 21.80 9.44
C ARG D 9 -35.00 23.28 9.43
N GLN D 10 -34.55 23.76 10.59
CA GLN D 10 -34.07 25.13 10.75
C GLN D 10 -32.71 25.19 11.47
N PRO D 11 -31.78 26.04 10.96
CA PRO D 11 -30.43 26.29 11.51
C PRO D 11 -30.34 26.62 13.00
N ILE D 12 -29.32 26.06 13.65
CA ILE D 12 -29.04 26.24 15.08
C ILE D 12 -27.75 27.03 15.24
N PRO D 13 -27.86 28.36 15.52
CA PRO D 13 -26.72 29.28 15.60
C PRO D 13 -25.68 28.85 16.65
N SER D 14 -24.43 29.31 16.52
CA SER D 14 -23.36 28.67 17.27
C SER D 14 -23.10 29.34 18.60
N GLU D 15 -22.24 28.70 19.38
CA GLU D 15 -21.88 29.18 20.69
C GLU D 15 -20.40 29.48 20.53
N GLY D 16 -20.04 29.73 19.27
CA GLY D 16 -18.71 30.16 18.88
C GLY D 16 -18.77 31.62 18.41
N LEU D 17 -17.98 31.92 17.38
CA LEU D 17 -17.99 33.26 16.79
C LEU D 17 -18.89 33.36 15.57
N GLN D 18 -19.89 34.23 15.64
CA GLN D 18 -20.81 34.43 14.53
C GLN D 18 -20.28 35.54 13.62
N LEU D 19 -19.57 35.17 12.56
CA LEU D 19 -18.95 36.14 11.65
C LEU D 19 -19.72 36.26 10.33
N HIS D 20 -20.50 35.22 10.04
CA HIS D 20 -21.36 35.21 8.87
C HIS D 20 -22.77 34.85 9.34
N LEU D 21 -23.75 35.03 8.45
CA LEU D 21 -25.11 34.58 8.73
C LEU D 21 -25.22 33.07 8.48
N PRO D 22 -25.87 32.33 9.40
CA PRO D 22 -25.88 30.87 9.31
C PRO D 22 -26.19 30.41 7.89
N GLN D 23 -27.32 30.84 7.36
CA GLN D 23 -27.77 30.31 6.09
C GLN D 23 -26.89 30.77 4.91
N VAL D 24 -26.32 31.98 4.96
CA VAL D 24 -25.46 32.39 3.84
C VAL D 24 -24.20 31.55 3.83
N LEU D 25 -23.67 31.28 5.02
CA LEU D 25 -22.45 30.50 5.20
C LEU D 25 -22.61 29.06 4.71
N ALA D 26 -23.71 28.44 5.11
CA ALA D 26 -23.99 27.06 4.73
C ALA D 26 -23.94 26.92 3.21
N ASP D 27 -24.79 27.67 2.52
CA ASP D 27 -24.85 27.65 1.07
C ASP D 27 -23.50 28.03 0.42
N ALA D 28 -22.72 28.84 1.10
CA ALA D 28 -21.38 29.19 0.64
C ALA D 28 -20.42 27.98 0.60
N VAL D 29 -20.22 27.32 1.75
CA VAL D 29 -19.30 26.19 1.82
C VAL D 29 -19.86 24.97 1.08
N SER D 30 -21.18 24.89 1.00
CA SER D 30 -21.83 23.81 0.29
C SER D 30 -21.49 23.91 -1.19
N ARG D 31 -21.65 25.11 -1.73
CA ARG D 31 -21.39 25.39 -3.13
C ARG D 31 -19.89 25.25 -3.49
N LEU D 32 -19.02 25.72 -2.61
CA LEU D 32 -17.57 25.65 -2.87
C LEU D 32 -16.96 24.27 -2.94
N VAL D 33 -17.22 23.47 -1.90
CA VAL D 33 -16.70 22.11 -1.80
C VAL D 33 -17.18 21.34 -3.02
N LEU D 34 -18.48 21.33 -3.26
CA LEU D 34 -19.01 20.62 -4.40
C LEU D 34 -18.39 21.13 -5.71
N GLY D 35 -18.17 22.44 -5.80
CA GLY D 35 -17.51 23.02 -6.96
C GLY D 35 -16.09 22.50 -7.08
N LYS D 36 -15.34 22.59 -5.98
CA LYS D 36 -13.97 22.07 -5.93
C LYS D 36 -13.87 20.54 -6.14
N PHE D 37 -14.91 19.79 -5.76
CA PHE D 37 -14.92 18.36 -6.09
C PHE D 37 -15.08 18.15 -7.60
N GLY D 38 -15.81 19.06 -8.25
CA GLY D 38 -15.96 19.02 -9.69
C GLY D 38 -14.64 19.23 -10.41
N ASP D 39 -13.94 20.30 -10.05
CA ASP D 39 -12.66 20.63 -10.69
C ASP D 39 -11.66 19.48 -10.62
N LEU D 40 -11.68 18.76 -9.50
CA LEU D 40 -10.80 17.62 -9.29
C LEU D 40 -11.15 16.39 -10.14
N THR D 41 -12.36 16.36 -10.68
CA THR D 41 -12.82 15.18 -11.40
C THR D 41 -13.21 15.39 -12.87
N ASP D 42 -12.55 16.34 -13.54
CA ASP D 42 -12.88 16.71 -14.92
C ASP D 42 -14.37 16.94 -15.01
N ASN D 43 -14.86 17.80 -14.13
CA ASN D 43 -16.27 18.09 -13.96
C ASN D 43 -17.14 16.84 -13.82
N PHE D 44 -16.90 16.06 -12.76
CA PHE D 44 -17.74 14.90 -12.39
C PHE D 44 -17.78 13.77 -13.41
N SER D 45 -16.93 13.84 -14.43
CA SER D 45 -16.89 12.86 -15.51
C SER D 45 -15.85 11.75 -15.24
N SER D 46 -14.88 12.05 -14.38
CA SER D 46 -13.87 11.09 -14.00
C SER D 46 -14.52 9.82 -13.40
N PRO D 47 -13.81 8.68 -13.44
CA PRO D 47 -14.27 7.44 -12.78
C PRO D 47 -14.58 7.67 -11.31
N HIS D 48 -13.74 8.47 -10.66
CA HIS D 48 -13.78 8.59 -9.21
C HIS D 48 -14.66 9.71 -8.70
N ALA D 49 -15.53 10.19 -9.58
CA ALA D 49 -16.51 11.21 -9.22
C ALA D 49 -17.78 10.59 -8.68
N ARG D 50 -17.89 9.26 -8.78
CA ARG D 50 -19.01 8.52 -8.23
C ARG D 50 -18.84 8.45 -6.71
N ARG D 51 -19.72 9.12 -5.98
CA ARG D 51 -19.64 9.11 -4.53
C ARG D 51 -20.95 8.63 -4.01
N LYS D 52 -21.01 8.47 -2.70
CA LYS D 52 -22.27 8.28 -2.02
C LYS D 52 -22.32 9.47 -1.08
N VAL D 53 -21.19 9.67 -0.40
CA VAL D 53 -21.04 10.78 0.51
C VAL D 53 -19.85 11.66 0.14
N LEU D 54 -20.03 12.98 0.24
CA LEU D 54 -18.99 13.95 -0.05
C LEU D 54 -18.78 14.80 1.18
N ALA D 55 -17.54 15.05 1.55
CA ALA D 55 -17.27 15.93 2.67
C ALA D 55 -16.12 16.84 2.34
N GLY D 56 -15.95 17.87 3.16
CA GLY D 56 -14.91 18.85 2.93
C GLY D 56 -14.75 19.86 4.04
N VAL D 57 -13.58 20.47 4.06
CA VAL D 57 -13.27 21.53 5.01
C VAL D 57 -13.06 22.83 4.28
N VAL D 58 -13.71 23.89 4.77
CA VAL D 58 -13.49 25.22 4.22
C VAL D 58 -12.87 26.15 5.30
N MET D 59 -11.89 26.97 4.92
CA MET D 59 -11.32 27.95 5.85
C MET D 59 -11.76 29.37 5.53
N THR D 60 -12.04 30.18 6.56
CA THR D 60 -12.33 31.60 6.37
C THR D 60 -11.35 32.49 7.12
N THR D 61 -11.04 33.64 6.53
CA THR D 61 -10.03 34.53 7.11
C THR D 61 -10.64 35.79 7.73
N GLY D 62 -11.90 36.05 7.41
CA GLY D 62 -12.54 37.28 7.86
C GLY D 62 -14.01 37.24 7.57
N THR D 63 -14.67 38.37 7.82
CA THR D 63 -16.11 38.45 7.76
C THR D 63 -16.69 38.36 6.34
N ASP D 64 -15.94 38.81 5.34
CA ASP D 64 -16.39 38.72 3.94
C ASP D 64 -16.55 37.27 3.52
N VAL D 65 -17.78 36.90 3.18
CA VAL D 65 -18.13 35.51 2.92
C VAL D 65 -17.63 34.95 1.58
N LYS D 66 -16.72 35.65 0.91
CA LYS D 66 -16.03 35.11 -0.28
C LYS D 66 -14.51 34.99 -0.07
N ASP D 67 -14.06 35.32 1.14
CA ASP D 67 -12.67 35.14 1.55
C ASP D 67 -12.40 33.69 1.98
N ALA D 68 -13.19 32.76 1.47
CA ALA D 68 -13.07 31.36 1.85
C ALA D 68 -12.16 30.54 0.93
N LYS D 69 -11.51 29.53 1.51
CA LYS D 69 -10.64 28.62 0.76
C LYS D 69 -11.05 27.18 1.03
N VAL D 70 -11.32 26.43 -0.03
CA VAL D 70 -11.62 25.02 0.14
C VAL D 70 -10.32 24.34 0.47
N ILE D 71 -10.25 23.80 1.68
CA ILE D 71 -9.00 23.25 2.22
C ILE D 71 -8.90 21.79 1.86
N SER D 72 -10.00 21.07 2.02
CA SER D 72 -10.00 19.66 1.74
C SER D 72 -11.31 19.16 1.17
N VAL D 73 -11.21 18.09 0.39
CA VAL D 73 -12.34 17.46 -0.25
C VAL D 73 -12.12 15.96 -0.16
N SER D 74 -13.19 15.22 0.12
CA SER D 74 -13.06 13.79 0.30
C SER D 74 -14.39 13.07 0.12
N THR D 75 -14.32 11.78 -0.19
CA THR D 75 -15.50 10.94 -0.36
C THR D 75 -15.25 9.62 0.33
N GLY D 76 -16.31 8.94 0.72
CA GLY D 76 -16.13 7.61 1.29
C GLY D 76 -17.18 7.22 2.29
N THR D 77 -17.52 5.93 2.28
CA THR D 77 -18.59 5.46 3.15
C THR D 77 -18.23 4.15 3.80
N LYS D 78 -16.98 3.72 3.69
CA LYS D 78 -16.59 2.39 4.20
C LYS D 78 -15.33 2.38 5.10
N CYS D 79 -15.10 1.28 5.82
CA CYS D 79 -13.96 1.17 6.75
C CYS D 79 -13.00 0.05 6.39
N ILE D 80 -11.78 0.09 6.94
CA ILE D 80 -10.84 -1.02 6.70
C ILE D 80 -11.42 -2.38 7.13
N ASN D 81 -11.03 -3.41 6.41
CA ASN D 81 -11.30 -4.75 6.86
C ASN D 81 -10.34 -5.10 8.02
N GLY D 82 -10.81 -5.80 9.05
CA GLY D 82 -9.98 -6.13 10.19
C GLY D 82 -8.70 -6.89 9.84
N GLU D 83 -8.85 -7.86 8.95
CA GLU D 83 -7.78 -8.75 8.53
C GLU D 83 -6.63 -7.99 7.85
N TYR D 84 -6.90 -6.75 7.45
CA TYR D 84 -6.03 -5.96 6.59
C TYR D 84 -5.30 -4.81 7.30
N MET D 85 -5.51 -4.69 8.61
CA MET D 85 -4.84 -3.68 9.43
C MET D 85 -3.33 -3.76 9.39
N SER D 86 -2.67 -2.61 9.52
CA SER D 86 -1.21 -2.52 9.45
C SER D 86 -0.56 -2.24 10.80
N ASP D 87 0.38 -3.10 11.18
CA ASP D 87 1.11 -2.97 12.43
C ASP D 87 2.24 -1.90 12.35
N ARG D 88 2.51 -1.42 11.14
CA ARG D 88 3.43 -0.33 10.92
C ARG D 88 2.71 0.97 10.59
N GLY D 89 1.39 1.02 10.83
CA GLY D 89 0.62 2.23 10.60
C GLY D 89 0.48 2.72 9.17
N LEU D 90 0.39 1.81 8.20
CA LEU D 90 0.35 2.20 6.78
C LEU D 90 -1.06 2.15 6.21
N ALA D 91 -2.02 1.79 7.06
CA ALA D 91 -3.38 1.59 6.61
C ALA D 91 -4.32 2.62 7.19
N LEU D 92 -5.34 2.99 6.43
CA LEU D 92 -6.36 3.92 6.91
C LEU D 92 -7.56 3.16 7.45
N ASN D 93 -7.67 3.11 8.78
CA ASN D 93 -8.70 2.33 9.45
C ASN D 93 -10.09 2.82 9.10
N ASP D 94 -10.22 4.13 8.90
CA ASP D 94 -11.54 4.73 8.65
C ASP D 94 -11.48 5.71 7.49
N CYS D 95 -12.29 5.41 6.47
CA CYS D 95 -12.31 6.16 5.20
C CYS D 95 -13.66 6.78 4.93
N HIS D 96 -14.43 7.02 5.98
CA HIS D 96 -15.64 7.80 5.85
C HIS D 96 -15.30 9.22 5.48
N ALA D 97 -16.11 9.74 4.58
CA ALA D 97 -15.91 11.04 3.97
C ALA D 97 -15.42 12.11 4.95
N GLU D 98 -16.14 12.30 6.05
CA GLU D 98 -15.82 13.38 6.99
C GLU D 98 -14.55 13.10 7.81
N ILE D 99 -14.33 11.83 8.15
CA ILE D 99 -13.14 11.38 8.88
C ILE D 99 -11.89 11.66 8.06
N ILE D 100 -12.03 11.42 6.76
CA ILE D 100 -10.98 11.63 5.78
C ILE D 100 -10.71 13.11 5.56
N SER D 101 -11.77 13.92 5.56
CA SER D 101 -11.59 15.35 5.44
C SER D 101 -10.75 15.91 6.56
N ARG D 102 -10.98 15.44 7.78
CA ARG D 102 -10.23 15.92 8.92
C ARG D 102 -8.76 15.57 8.83
N ARG D 103 -8.44 14.36 8.38
CA ARG D 103 -7.04 13.96 8.28
C ARG D 103 -6.31 14.77 7.20
N SER D 104 -6.98 15.06 6.09
CA SER D 104 -6.40 15.95 5.07
C SER D 104 -6.13 17.33 5.65
N LEU D 105 -7.04 17.83 6.48
CA LEU D 105 -6.90 19.13 7.15
C LEU D 105 -5.64 19.16 7.99
N LEU D 106 -5.33 18.01 8.62
CA LEU D 106 -4.12 17.85 9.42
C LEU D 106 -2.89 18.15 8.59
N ARG D 107 -2.91 17.76 7.32
CA ARG D 107 -1.81 18.05 6.42
C ARG D 107 -1.71 19.54 6.17
N PHE D 108 -2.84 20.22 5.96
CA PHE D 108 -2.84 21.67 5.79
C PHE D 108 -2.26 22.37 7.02
N LEU D 109 -2.50 21.81 8.20
CA LEU D 109 -1.95 22.34 9.43
C LEU D 109 -0.43 22.20 9.49
N TYR D 110 0.10 21.04 9.13
CA TYR D 110 1.55 20.84 9.13
C TYR D 110 2.24 21.78 8.14
N THR D 111 1.69 21.90 6.94
CA THR D 111 2.24 22.81 5.93
C THR D 111 2.33 24.25 6.49
N GLN D 112 1.25 24.73 7.11
CA GLN D 112 1.21 26.10 7.63
C GLN D 112 2.19 26.33 8.78
N LEU D 113 2.43 25.32 9.60
CA LEU D 113 3.49 25.43 10.61
C LEU D 113 4.86 25.54 9.96
N GLU D 114 5.10 24.68 8.98
CA GLU D 114 6.35 24.71 8.23
C GLU D 114 6.52 26.10 7.59
N LEU D 115 5.43 26.61 7.03
CA LEU D 115 5.43 27.91 6.37
C LEU D 115 5.91 29.01 7.31
N TYR D 116 5.49 28.94 8.57
CA TYR D 116 5.84 29.95 9.55
C TYR D 116 7.33 29.87 9.89
N LEU D 117 7.81 28.69 10.28
CA LEU D 117 9.22 28.59 10.66
C LEU D 117 10.15 28.33 9.47
N ASN D 118 9.71 28.68 8.26
CA ASN D 118 10.52 28.49 7.07
C ASN D 118 11.21 29.76 6.64
N ASN D 119 10.49 30.87 6.77
CA ASN D 119 11.00 32.16 6.34
C ASN D 119 10.29 33.25 7.13
N LYS D 120 11.05 34.25 7.56
CA LYS D 120 10.56 35.31 8.42
C LYS D 120 9.44 36.12 7.75
N ASP D 121 9.55 36.26 6.43
CA ASP D 121 8.56 36.96 5.61
C ASP D 121 7.28 36.14 5.46
N ASP D 122 7.43 34.83 5.57
CA ASP D 122 6.34 33.89 5.33
C ASP D 122 5.42 33.82 6.54
N GLN D 123 5.91 34.28 7.68
CA GLN D 123 5.15 34.23 8.92
C GLN D 123 3.85 35.02 8.84
N LYS D 124 3.87 36.07 8.03
CA LYS D 124 2.70 36.93 7.83
C LYS D 124 1.66 36.23 6.94
N ARG D 125 2.12 35.23 6.19
CA ARG D 125 1.28 34.44 5.29
C ARG D 125 0.67 33.20 5.97
N SER D 126 1.25 32.81 7.09
CA SER D 126 0.83 31.64 7.83
C SER D 126 -0.42 31.93 8.65
N ILE D 127 -1.34 30.97 8.70
CA ILE D 127 -2.53 31.13 9.53
C ILE D 127 -2.18 31.04 11.01
N PHE D 128 -0.96 30.60 11.31
CA PHE D 128 -0.52 30.48 12.69
C PHE D 128 0.26 31.70 13.13
N GLN D 129 0.31 31.91 14.44
CA GLN D 129 1.14 32.94 15.04
C GLN D 129 1.68 32.39 16.36
N LYS D 130 2.74 32.99 16.89
CA LYS D 130 3.21 32.54 18.19
C LYS D 130 2.10 32.84 19.21
N SER D 131 1.97 32.03 20.24
CA SER D 131 1.00 32.33 21.29
C SER D 131 1.63 32.69 22.61
N GLU D 132 1.12 33.75 23.22
CA GLU D 132 1.60 34.25 24.51
C GLU D 132 1.51 33.17 25.60
N ARG D 133 0.59 32.23 25.44
CA ARG D 133 0.48 31.13 26.39
C ARG D 133 1.52 30.06 26.10
N GLY D 134 2.24 30.24 24.97
CA GLY D 134 3.22 29.28 24.49
C GLY D 134 2.73 28.50 23.28
N GLY D 135 3.67 28.03 22.46
CA GLY D 135 3.34 27.25 21.28
C GLY D 135 2.66 28.12 20.26
N PHE D 136 1.80 27.54 19.45
CA PHE D 136 1.16 28.28 18.38
C PHE D 136 -0.34 28.32 18.55
N ARG D 137 -0.96 29.37 18.02
CA ARG D 137 -2.39 29.52 18.07
C ARG D 137 -2.82 30.06 16.73
N LEU D 138 -4.12 30.07 16.49
CA LEU D 138 -4.69 30.57 15.25
C LEU D 138 -4.76 32.10 15.24
N LYS D 139 -4.68 32.71 14.05
CA LYS D 139 -4.87 34.15 13.92
C LYS D 139 -6.29 34.55 14.31
N GLU D 140 -6.45 35.81 14.73
CA GLU D 140 -7.58 36.15 15.57
C GLU D 140 -8.94 36.01 14.86
N ASN D 141 -8.93 35.76 13.56
CA ASN D 141 -10.21 35.58 12.88
C ASN D 141 -10.35 34.35 11.98
N VAL D 142 -9.45 33.38 12.11
CA VAL D 142 -9.52 32.20 11.22
C VAL D 142 -10.46 31.13 11.80
N GLN D 143 -11.39 30.70 10.97
CA GLN D 143 -12.34 29.66 11.33
C GLN D 143 -12.32 28.53 10.31
N PHE D 144 -12.61 27.30 10.77
CA PHE D 144 -12.76 26.16 9.85
C PHE D 144 -14.20 25.65 9.86
N HIS D 145 -14.70 25.26 8.69
CA HIS D 145 -16.08 24.82 8.57
C HIS D 145 -16.19 23.46 7.91
N LEU D 146 -16.92 22.56 8.56
CA LEU D 146 -17.02 21.22 8.04
C LEU D 146 -18.29 21.02 7.23
N TYR D 147 -18.15 20.51 6.01
CA TYR D 147 -19.32 20.17 5.19
C TYR D 147 -19.44 18.66 5.01
N ILE D 148 -20.61 18.10 5.28
CA ILE D 148 -20.88 16.68 4.96
C ILE D 148 -22.16 16.51 4.15
N SER D 149 -22.11 15.75 3.05
CA SER D 149 -23.22 15.69 2.09
C SER D 149 -24.45 14.99 2.68
N THR D 150 -24.31 14.45 3.89
CA THR D 150 -25.40 13.80 4.58
C THR D 150 -25.02 13.82 6.05
N SER D 151 -25.99 13.64 6.92
CA SER D 151 -25.73 13.61 8.33
C SER D 151 -24.74 12.48 8.65
N PRO D 152 -23.81 12.73 9.59
CA PRO D 152 -22.79 11.73 9.92
C PRO D 152 -23.38 10.44 10.46
N CYS D 153 -22.78 9.30 10.10
CA CYS D 153 -23.29 8.00 10.55
C CYS D 153 -23.21 7.94 12.08
N GLY D 154 -24.01 7.08 12.67
CA GLY D 154 -24.08 7.05 14.11
C GLY D 154 -25.33 7.73 14.62
N ASP D 155 -25.25 8.28 15.83
CA ASP D 155 -26.44 8.81 16.49
C ASP D 155 -27.22 9.89 15.75
N ALA D 156 -26.52 10.72 14.99
CA ALA D 156 -27.11 11.83 14.26
C ALA D 156 -28.03 11.40 13.11
N ARG D 157 -27.94 10.14 12.69
CA ARG D 157 -28.70 9.67 11.53
C ARG D 157 -29.82 8.73 11.97
N ILE D 158 -29.75 8.20 13.20
CA ILE D 158 -30.78 7.30 13.70
C ILE D 158 -32.09 8.03 13.96
N PHE D 159 -33.00 8.00 12.99
CA PHE D 159 -34.34 8.63 13.11
C PHE D 159 -35.12 8.56 11.80
N SER D 160 -36.44 8.63 11.91
CA SER D 160 -37.33 8.59 10.76
C SER D 160 -37.48 9.98 10.18
N PRO D 161 -36.99 10.19 8.94
CA PRO D 161 -37.07 11.51 8.31
C PRO D 161 -38.43 11.85 7.72
N HIS D 162 -39.45 11.06 8.01
CA HIS D 162 -40.80 11.40 7.58
C HIS D 162 -41.79 11.27 8.73
N GLU D 163 -41.30 11.58 9.93
CA GLU D 163 -42.11 11.59 11.15
C GLU D 163 -41.67 12.74 12.08
N PRO D 164 -42.64 13.33 12.78
CA PRO D 164 -42.36 14.37 13.78
C PRO D 164 -41.55 13.82 14.94
N ILE D 165 -40.98 14.71 15.74
CA ILE D 165 -40.11 14.31 16.84
C ILE D 165 -40.80 14.14 18.19
N LEU D 166 -40.52 13.00 18.84
CA LEU D 166 -41.11 12.65 20.13
C LEU D 166 -40.36 13.44 21.19
N GLU D 167 -40.56 14.76 21.14
CA GLU D 167 -39.69 15.76 21.79
C GLU D 167 -39.08 15.50 23.18
N GLU D 168 -39.02 14.25 23.64
CA GLU D 168 -38.56 13.89 25.00
C GLU D 168 -39.24 14.79 26.03
N PRO D 169 -40.15 14.21 26.85
CA PRO D 169 -41.11 15.10 27.52
C PRO D 169 -40.54 16.10 28.57
N ALA D 170 -39.22 16.28 28.59
CA ALA D 170 -38.53 17.22 29.51
C ALA D 170 -38.85 17.00 30.98
N ASP D 171 -39.78 16.09 31.25
CA ASP D 171 -40.15 15.66 32.58
C ASP D 171 -39.95 14.15 32.66
N ARG D 172 -38.77 13.74 33.10
CA ARG D 172 -38.35 12.34 33.24
C ARG D 172 -39.17 11.34 32.43
N HIS D 173 -38.68 10.99 31.22
CA HIS D 173 -39.34 10.01 30.31
C HIS D 173 -40.18 9.02 31.10
N PRO D 174 -41.51 9.01 30.84
CA PRO D 174 -42.41 8.20 31.67
C PRO D 174 -42.13 6.69 31.57
N ASN D 175 -41.28 6.30 30.62
CA ASN D 175 -40.80 4.93 30.47
C ASN D 175 -39.31 4.89 30.83
N ARG D 176 -38.50 5.21 29.83
CA ARG D 176 -37.05 5.32 29.96
C ARG D 176 -36.57 5.89 28.64
N LYS D 177 -35.40 6.50 28.63
CA LYS D 177 -34.88 7.02 27.36
C LYS D 177 -33.36 6.95 27.25
N ALA D 178 -32.77 8.13 27.05
CA ALA D 178 -31.35 8.34 26.81
C ALA D 178 -30.93 7.78 25.46
N ARG D 179 -31.27 8.48 24.37
CA ARG D 179 -30.72 8.09 23.08
C ARG D 179 -29.30 8.65 23.08
N GLY D 180 -28.68 8.76 21.92
CA GLY D 180 -27.32 9.26 21.92
C GLY D 180 -26.26 8.21 22.22
N GLN D 181 -26.67 6.96 22.34
CA GLN D 181 -25.75 5.86 22.62
C GLN D 181 -24.62 5.80 21.60
N LEU D 182 -23.41 5.53 22.09
CA LEU D 182 -22.25 5.25 21.25
C LEU D 182 -22.58 4.10 20.31
N ARG D 183 -22.10 4.22 19.08
CA ARG D 183 -22.39 3.25 18.04
C ARG D 183 -21.13 3.05 17.22
N THR D 184 -20.97 1.84 16.70
CA THR D 184 -19.77 1.47 15.97
C THR D 184 -20.08 1.08 14.54
N LYS D 185 -19.19 1.46 13.64
CA LYS D 185 -19.27 0.98 12.29
C LYS D 185 -19.02 -0.51 12.24
N ILE D 186 -19.88 -1.23 11.51
CA ILE D 186 -19.71 -2.66 11.33
C ILE D 186 -18.85 -2.87 10.12
N GLU D 187 -17.91 -3.79 10.29
CA GLU D 187 -16.96 -4.12 9.26
C GLU D 187 -17.74 -4.63 8.06
N SER D 188 -17.30 -4.25 6.86
CA SER D 188 -17.94 -4.67 5.60
C SER D 188 -19.36 -4.07 5.47
N GLY D 189 -19.51 -2.84 5.94
CA GLY D 189 -20.77 -2.14 5.83
C GLY D 189 -20.60 -0.64 5.98
N GLU D 190 -21.58 0.08 5.46
CA GLU D 190 -21.58 1.54 5.57
C GLU D 190 -22.32 1.99 6.82
N GLY D 191 -23.02 1.06 7.44
CA GLY D 191 -23.83 1.36 8.61
C GLY D 191 -23.18 1.29 9.99
N THR D 192 -24.04 1.41 10.99
CA THR D 192 -23.67 1.47 12.39
C THR D 192 -24.59 0.67 13.35
N ILE D 193 -24.02 0.05 14.39
CA ILE D 193 -24.79 -0.64 15.45
C ILE D 193 -24.36 -0.11 16.83
N PRO D 194 -25.26 -0.12 17.84
CA PRO D 194 -24.91 0.32 19.20
C PRO D 194 -23.73 -0.43 19.80
N VAL D 195 -23.12 0.10 20.85
CA VAL D 195 -22.05 -0.64 21.52
C VAL D 195 -22.62 -1.51 22.61
N ARG D 196 -22.12 -2.74 22.66
CA ARG D 196 -22.43 -3.70 23.71
C ARG D 196 -22.23 -3.02 25.05
N SER D 197 -23.28 -2.85 25.86
CA SER D 197 -23.08 -2.15 27.14
C SER D 197 -22.37 -3.07 28.14
N ASN D 198 -22.29 -4.37 27.78
CA ASN D 198 -21.41 -5.31 28.47
C ASN D 198 -20.53 -5.98 27.42
N ALA D 199 -19.37 -5.40 27.17
CA ALA D 199 -18.58 -5.86 26.04
C ALA D 199 -17.23 -6.40 26.41
N SER D 200 -16.44 -6.63 25.36
CA SER D 200 -15.09 -7.14 25.48
C SER D 200 -14.20 -6.02 24.99
N ILE D 201 -12.92 -6.29 24.79
CA ILE D 201 -12.05 -5.28 24.22
C ILE D 201 -11.36 -5.95 23.03
N GLN D 202 -11.09 -5.17 22.00
CA GLN D 202 -10.44 -5.73 20.82
C GLN D 202 -9.00 -6.12 21.14
N THR D 203 -8.48 -7.10 20.41
CA THR D 203 -7.09 -7.53 20.54
C THR D 203 -6.48 -7.59 19.15
N TRP D 204 -5.17 -7.39 19.06
CA TRP D 204 -4.50 -7.30 17.76
C TRP D 204 -4.53 -8.62 16.97
N ASP D 205 -4.00 -9.71 17.53
CA ASP D 205 -4.00 -11.00 16.84
C ASP D 205 -5.42 -11.54 16.65
N GLY D 206 -6.30 -11.23 17.58
CA GLY D 206 -7.70 -11.64 17.51
C GLY D 206 -8.52 -11.15 16.32
N VAL D 207 -8.54 -9.83 16.11
CA VAL D 207 -9.23 -9.20 14.98
C VAL D 207 -8.69 -9.70 13.63
N LEU D 208 -7.36 -9.73 13.54
CA LEU D 208 -6.66 -10.15 12.32
C LEU D 208 -7.12 -11.52 11.81
N GLN D 209 -7.64 -12.36 12.70
CA GLN D 209 -8.17 -13.66 12.30
C GLN D 209 -9.57 -13.53 11.65
N GLY D 210 -10.36 -12.55 12.10
CA GLY D 210 -11.69 -12.32 11.56
C GLY D 210 -12.75 -11.78 12.50
N GLU D 211 -12.40 -11.68 13.79
CA GLU D 211 -13.27 -11.13 14.85
C GLU D 211 -13.66 -9.71 14.47
N ARG D 212 -14.80 -9.21 14.97
CA ARG D 212 -15.31 -7.89 14.53
C ARG D 212 -14.35 -6.76 14.82
N LEU D 213 -13.99 -6.03 13.76
CA LEU D 213 -13.28 -4.77 13.92
C LEU D 213 -14.26 -3.70 14.37
N LEU D 214 -13.97 -3.03 15.48
CA LEU D 214 -14.87 -1.96 15.88
C LEU D 214 -14.23 -0.57 15.71
N THR D 215 -14.91 0.23 14.89
CA THR D 215 -14.53 1.61 14.67
C THR D 215 -15.73 2.47 15.03
N MET D 216 -15.48 3.51 15.82
CA MET D 216 -16.53 4.41 16.30
C MET D 216 -17.20 5.17 15.15
N SER D 217 -18.50 5.39 15.27
CA SER D 217 -19.22 6.11 14.24
C SER D 217 -18.76 7.57 14.15
N CYS D 218 -18.96 8.19 12.99
CA CYS D 218 -18.51 9.55 12.79
C CYS D 218 -19.23 10.50 13.74
N SER D 219 -20.46 10.18 14.08
CA SER D 219 -21.20 11.01 15.03
C SER D 219 -20.47 11.05 16.33
N ASP D 220 -19.97 9.90 16.74
CA ASP D 220 -19.24 9.81 17.99
C ASP D 220 -17.86 10.43 17.84
N LYS D 221 -17.29 10.36 16.64
CA LYS D 221 -15.98 10.94 16.38
C LYS D 221 -16.02 12.45 16.37
N ILE D 222 -17.11 13.02 15.84
CA ILE D 222 -17.21 14.47 15.75
C ILE D 222 -17.47 15.09 17.12
N ALA D 223 -18.28 14.42 17.92
CA ALA D 223 -18.46 14.85 19.28
C ALA D 223 -17.10 14.91 19.98
N ARG D 224 -16.27 13.92 19.70
CA ARG D 224 -14.93 13.87 20.24
C ARG D 224 -14.12 15.09 19.74
N TRP D 225 -14.29 15.42 18.45
CA TRP D 225 -13.66 16.63 17.89
C TRP D 225 -14.17 17.92 18.54
N ASN D 226 -15.39 17.89 19.03
CA ASN D 226 -15.97 19.06 19.68
C ASN D 226 -15.59 19.17 21.14
N VAL D 227 -14.77 18.24 21.61
CA VAL D 227 -14.17 18.36 22.94
C VAL D 227 -12.65 18.51 22.84
N VAL D 228 -11.98 17.57 22.19
CA VAL D 228 -10.52 17.63 22.16
C VAL D 228 -10.00 18.35 20.92
N GLY D 229 -10.91 18.79 20.05
CA GLY D 229 -10.50 19.54 18.88
C GLY D 229 -10.11 18.67 17.68
N ILE D 230 -9.97 19.31 16.52
CA ILE D 230 -9.79 18.60 15.28
C ILE D 230 -8.33 18.32 14.97
N GLN D 231 -7.45 18.90 15.77
CA GLN D 231 -6.02 18.80 15.51
C GLN D 231 -5.40 17.45 15.90
N GLY D 232 -6.09 16.68 16.73
CA GLY D 232 -5.52 15.40 17.19
C GLY D 232 -4.39 15.58 18.20
N SER D 233 -3.89 14.47 18.74
CA SER D 233 -2.88 14.51 19.81
C SER D 233 -1.52 15.11 19.42
N LEU D 234 -0.92 14.57 18.37
CA LEU D 234 0.45 14.93 18.01
C LEU D 234 0.55 16.43 17.76
N LEU D 235 -0.32 16.95 16.89
CA LEU D 235 -0.36 18.38 16.59
C LEU D 235 -0.68 19.29 17.77
N SER D 236 -1.28 18.76 18.83
CA SER D 236 -1.58 19.60 19.97
C SER D 236 -0.31 19.93 20.77
N ILE D 237 0.79 19.26 20.43
CA ILE D 237 2.08 19.53 21.06
C ILE D 237 2.65 20.84 20.53
N PHE D 238 2.34 21.17 19.28
CA PHE D 238 2.82 22.41 18.70
C PHE D 238 1.81 23.53 18.89
N VAL D 239 0.56 23.26 18.53
CA VAL D 239 -0.47 24.28 18.52
C VAL D 239 -1.60 24.03 19.52
N GLU D 240 -2.44 25.05 19.66
CA GLU D 240 -3.57 25.03 20.56
C GLU D 240 -4.79 24.46 19.88
N PRO D 241 -5.73 23.92 20.68
CA PRO D 241 -6.91 23.21 20.16
C PRO D 241 -7.71 24.00 19.12
N ILE D 242 -8.00 23.38 17.99
CA ILE D 242 -8.80 24.00 16.95
C ILE D 242 -10.14 23.31 16.87
N TYR D 243 -11.23 24.07 16.82
CA TYR D 243 -12.55 23.44 16.66
C TYR D 243 -13.24 23.91 15.38
N PHE D 244 -14.08 23.06 14.81
CA PHE D 244 -14.93 23.48 13.71
C PHE D 244 -15.89 24.51 14.26
N SER D 245 -16.04 25.64 13.57
CA SER D 245 -17.04 26.61 13.99
C SER D 245 -18.40 26.21 13.44
N SER D 246 -18.40 25.43 12.36
CA SER D 246 -19.64 25.09 11.67
C SER D 246 -19.66 23.66 11.17
N ILE D 247 -20.86 23.09 11.14
CA ILE D 247 -21.08 21.77 10.57
C ILE D 247 -22.29 21.83 9.66
N ILE D 248 -22.07 21.69 8.36
CA ILE D 248 -23.12 21.88 7.38
C ILE D 248 -23.50 20.54 6.81
N LEU D 249 -24.80 20.27 6.71
CA LEU D 249 -25.27 19.02 6.15
C LEU D 249 -26.01 19.16 4.82
N GLY D 250 -25.59 18.41 3.81
CA GLY D 250 -26.27 18.42 2.53
C GLY D 250 -27.56 17.59 2.49
N SER D 251 -27.82 16.79 3.54
CA SER D 251 -29.06 15.99 3.61
C SER D 251 -29.30 15.44 5.02
N LEU D 252 -30.50 14.88 5.23
CA LEU D 252 -30.86 14.21 6.47
C LEU D 252 -30.54 15.11 7.68
N TYR D 253 -30.85 16.40 7.54
CA TYR D 253 -30.63 17.38 8.59
C TYR D 253 -31.83 17.45 9.52
N HIS D 254 -31.62 17.16 10.80
CA HIS D 254 -32.65 17.37 11.82
C HIS D 254 -31.99 18.03 13.01
N GLY D 255 -32.25 19.34 13.20
CA GLY D 255 -31.55 20.13 14.20
C GLY D 255 -31.44 19.56 15.59
N ASP D 256 -32.56 19.12 16.15
CA ASP D 256 -32.54 18.59 17.52
C ASP D 256 -31.74 17.29 17.57
N HIS D 257 -31.85 16.44 16.54
CA HIS D 257 -31.07 15.20 16.49
C HIS D 257 -29.58 15.49 16.38
N LEU D 258 -29.21 16.37 15.44
CA LEU D 258 -27.81 16.71 15.22
C LEU D 258 -27.15 17.37 16.45
N SER D 259 -27.82 18.39 17.01
CA SER D 259 -27.31 19.08 18.20
C SER D 259 -27.10 18.12 19.37
N ARG D 260 -27.95 17.09 19.44
CA ARG D 260 -27.79 15.98 20.39
C ARG D 260 -26.49 15.26 20.18
N ALA D 261 -26.28 14.78 18.95
CA ALA D 261 -25.13 13.94 18.65
C ALA D 261 -23.80 14.68 18.75
N MET D 262 -23.84 15.97 18.45
CA MET D 262 -22.63 16.79 18.35
C MET D 262 -22.10 17.35 19.67
N TYR D 263 -22.98 17.62 20.63
CA TYR D 263 -22.52 18.15 21.92
C TYR D 263 -23.50 17.92 23.05
N GLN D 264 -24.80 18.10 22.80
CA GLN D 264 -25.80 18.14 23.87
C GLN D 264 -25.81 16.86 24.70
N ARG D 265 -25.49 15.74 24.08
CA ARG D 265 -25.55 14.46 24.78
C ARG D 265 -24.40 14.29 25.80
N ILE D 266 -23.33 15.06 25.65
CA ILE D 266 -22.24 14.98 26.61
C ILE D 266 -22.04 16.31 27.31
N SER D 267 -23.09 17.11 27.42
CA SER D 267 -22.98 18.40 28.12
C SER D 267 -22.65 18.21 29.62
N ASN D 268 -22.71 16.96 30.07
CA ASN D 268 -22.30 16.58 31.43
C ASN D 268 -20.79 16.53 31.61
N ILE D 269 -20.04 17.12 30.69
CA ILE D 269 -18.59 17.02 30.70
C ILE D 269 -17.95 17.94 31.75
N GLU D 270 -17.02 17.38 32.52
CA GLU D 270 -16.41 18.14 33.60
C GLU D 270 -14.90 18.02 33.66
N ASP D 271 -14.28 19.05 34.23
CA ASP D 271 -12.85 19.12 34.47
C ASP D 271 -12.03 19.09 33.21
N LEU D 272 -12.48 19.80 32.17
CA LEU D 272 -11.68 19.89 30.97
C LEU D 272 -10.47 20.74 31.27
N PRO D 273 -9.31 20.40 30.68
CA PRO D 273 -8.10 21.20 30.86
C PRO D 273 -8.27 22.58 30.24
N PRO D 274 -7.38 23.53 30.58
CA PRO D 274 -7.39 24.88 30.02
C PRO D 274 -7.33 24.87 28.49
N LEU D 275 -8.14 25.74 27.88
CA LEU D 275 -8.28 25.92 26.42
C LEU D 275 -9.23 24.90 25.79
N TYR D 276 -9.47 23.81 26.51
CA TYR D 276 -10.40 22.79 26.05
C TYR D 276 -11.82 23.10 26.49
N THR D 277 -12.78 22.78 25.63
CA THR D 277 -14.16 23.08 25.93
C THR D 277 -15.05 22.22 25.04
N LEU D 278 -16.31 22.07 25.46
CA LEU D 278 -17.31 21.45 24.62
C LEU D 278 -17.75 22.47 23.60
N ASN D 279 -17.26 22.31 22.38
CA ASN D 279 -17.60 23.24 21.32
C ASN D 279 -19.00 22.99 20.76
N LYS D 280 -19.77 24.04 20.72
CA LYS D 280 -21.08 23.99 20.12
C LYS D 280 -21.01 24.85 18.86
N PRO D 281 -20.78 24.20 17.71
CA PRO D 281 -20.69 24.90 16.42
C PRO D 281 -22.06 25.23 15.84
N LEU D 282 -22.06 26.07 14.83
CA LEU D 282 -23.24 26.32 14.02
C LEU D 282 -23.65 25.05 13.33
N LEU D 283 -24.93 24.70 13.44
CA LEU D 283 -25.43 23.53 12.73
C LEU D 283 -26.41 24.01 11.67
N SER D 284 -26.35 23.45 10.47
CA SER D 284 -27.28 23.86 9.42
C SER D 284 -27.34 22.91 8.23
N GLY D 285 -28.53 22.80 7.65
CA GLY D 285 -28.66 22.14 6.37
C GLY D 285 -28.51 23.16 5.26
N ILE D 286 -28.60 22.70 4.02
CA ILE D 286 -28.56 23.61 2.90
C ILE D 286 -29.94 23.71 2.26
N SER D 287 -30.10 24.73 1.43
CA SER D 287 -31.38 25.05 0.84
C SER D 287 -31.82 24.03 -0.18
N ASN D 288 -30.88 23.60 -1.02
CA ASN D 288 -31.25 22.56 -1.97
C ASN D 288 -30.52 21.26 -1.67
N ALA D 289 -31.16 20.48 -0.81
CA ALA D 289 -30.62 19.23 -0.29
C ALA D 289 -30.42 18.16 -1.35
N GLU D 290 -29.40 17.32 -1.17
CA GLU D 290 -29.22 16.17 -2.03
C GLU D 290 -30.38 15.18 -1.73
N ALA D 291 -30.90 14.52 -2.77
CA ALA D 291 -31.91 13.48 -2.55
C ALA D 291 -31.24 12.15 -2.30
N ARG D 292 -31.93 11.26 -1.57
CA ARG D 292 -31.35 9.94 -1.31
C ARG D 292 -31.33 9.08 -2.57
N GLN D 293 -30.13 8.68 -2.99
CA GLN D 293 -29.93 7.93 -4.24
C GLN D 293 -29.64 6.43 -4.02
N PRO D 294 -30.67 5.60 -3.88
CA PRO D 294 -30.31 4.23 -3.44
C PRO D 294 -29.58 3.42 -4.52
N GLY D 295 -28.53 2.74 -4.10
CA GLY D 295 -27.67 1.95 -4.97
C GLY D 295 -26.35 1.68 -4.26
N LYS D 296 -25.45 0.91 -4.88
CA LYS D 296 -24.20 0.56 -4.21
C LYS D 296 -23.35 1.76 -3.87
N ALA D 297 -22.70 1.68 -2.72
CA ALA D 297 -21.77 2.69 -2.26
C ALA D 297 -20.41 2.29 -2.82
N PRO D 298 -19.73 3.20 -3.52
CA PRO D 298 -18.46 2.89 -4.18
C PRO D 298 -17.44 2.38 -3.16
N ASN D 299 -16.63 1.42 -3.56
CA ASN D 299 -15.68 0.86 -2.63
C ASN D 299 -14.45 1.69 -2.41
N PHE D 300 -14.35 2.83 -3.10
CA PHE D 300 -13.17 3.67 -2.99
C PHE D 300 -13.43 5.01 -2.28
N SER D 301 -12.33 5.61 -1.81
CA SER D 301 -12.39 6.84 -1.06
C SER D 301 -11.41 7.85 -1.63
N VAL D 302 -11.94 8.98 -2.04
CA VAL D 302 -11.17 10.05 -2.66
C VAL D 302 -10.74 11.04 -1.58
N ASN D 303 -9.55 11.63 -1.73
CA ASN D 303 -9.17 12.74 -0.86
C ASN D 303 -8.25 13.76 -1.54
N TRP D 304 -8.36 15.01 -1.10
CA TRP D 304 -7.52 16.06 -1.65
C TRP D 304 -7.31 17.16 -0.64
N THR D 305 -6.12 17.74 -0.68
CA THR D 305 -5.80 18.83 0.24
C THR D 305 -5.18 19.99 -0.55
N VAL D 306 -5.57 21.22 -0.22
CA VAL D 306 -5.13 22.39 -0.99
C VAL D 306 -3.59 22.40 -1.04
N GLY D 307 -3.07 22.63 -2.25
CA GLY D 307 -1.65 22.48 -2.51
C GLY D 307 -1.37 21.28 -3.38
N ASP D 308 -2.21 20.25 -3.26
CA ASP D 308 -2.09 19.02 -4.03
C ASP D 308 -2.36 19.26 -5.50
N SER D 309 -1.69 18.49 -6.37
CA SER D 309 -1.93 18.56 -7.81
C SER D 309 -3.23 17.85 -8.19
N ALA D 310 -3.34 16.61 -7.75
CA ALA D 310 -4.53 15.80 -8.00
C ALA D 310 -5.00 15.11 -6.74
N ILE D 311 -6.11 14.40 -6.87
CA ILE D 311 -6.61 13.62 -5.75
C ILE D 311 -5.79 12.34 -5.53
N GLU D 312 -6.06 11.72 -4.39
CA GLU D 312 -5.55 10.39 -4.08
C GLU D 312 -6.77 9.49 -3.90
N VAL D 313 -6.71 8.28 -4.46
CA VAL D 313 -7.81 7.31 -4.36
C VAL D 313 -7.39 6.04 -3.61
N ILE D 314 -8.14 5.77 -2.54
CA ILE D 314 -7.83 4.68 -1.62
C ILE D 314 -8.92 3.62 -1.61
N ASN D 315 -8.49 2.36 -1.65
CA ASN D 315 -9.35 1.20 -1.44
C ASN D 315 -9.74 1.12 0.03
N ALA D 316 -10.98 1.49 0.32
CA ALA D 316 -11.41 1.67 1.70
C ALA D 316 -11.28 0.41 2.54
N THR D 317 -11.43 -0.74 1.89
CA THR D 317 -11.37 -2.04 2.54
C THR D 317 -9.99 -2.37 3.07
N THR D 318 -8.96 -1.92 2.35
CA THR D 318 -7.58 -2.25 2.70
C THR D 318 -6.93 -1.07 3.37
N GLY D 319 -7.48 0.11 3.12
CA GLY D 319 -6.94 1.34 3.69
C GLY D 319 -5.76 1.88 2.90
N LYS D 320 -5.43 1.24 1.79
CA LYS D 320 -4.36 1.67 0.90
C LYS D 320 -4.88 1.89 -0.52
N ASP D 321 -4.03 2.29 -1.47
CA ASP D 321 -4.55 2.47 -2.83
C ASP D 321 -4.57 1.16 -3.64
N GLU D 322 -5.02 1.24 -4.88
CA GLU D 322 -5.29 0.03 -5.65
C GLU D 322 -4.02 -0.79 -5.82
N LEU D 323 -2.87 -0.10 -5.89
CA LEU D 323 -1.60 -0.81 -5.99
C LEU D 323 -0.89 -1.04 -4.66
N GLY D 324 -1.60 -0.93 -3.54
CA GLY D 324 -1.04 -1.30 -2.27
C GLY D 324 0.01 -0.35 -1.75
N ARG D 325 -0.04 0.88 -2.26
CA ARG D 325 0.83 1.96 -1.80
C ARG D 325 0.12 2.71 -0.68
N ALA D 326 0.88 3.17 0.29
CA ALA D 326 0.30 3.82 1.46
C ALA D 326 -0.16 5.22 1.11
N SER D 327 -1.25 5.63 1.74
CA SER D 327 -1.83 6.95 1.50
C SER D 327 -1.06 8.03 2.23
N ARG D 328 -1.23 9.26 1.79
CA ARG D 328 -0.59 10.38 2.43
C ARG D 328 -1.23 10.71 3.77
N LEU D 329 -2.33 10.02 4.09
CA LEU D 329 -3.08 10.33 5.30
C LEU D 329 -2.90 9.28 6.40
N CYS D 330 -2.26 8.16 6.07
CA CYS D 330 -2.05 7.12 7.08
C CYS D 330 -1.21 7.64 8.23
N LYS D 331 -1.25 6.92 9.35
CA LYS D 331 -0.52 7.29 10.54
C LYS D 331 0.95 7.58 10.25
N HIS D 332 1.54 6.76 9.39
CA HIS D 332 2.97 6.76 9.13
C HIS D 332 3.38 7.99 8.35
N ALA D 333 2.48 8.43 7.48
CA ALA D 333 2.72 9.64 6.70
C ALA D 333 2.61 10.86 7.61
N LEU D 334 1.53 10.92 8.39
CA LEU D 334 1.32 12.01 9.32
C LEU D 334 2.49 12.13 10.30
N TYR D 335 3.00 11.00 10.79
CA TYR D 335 4.13 10.99 11.71
C TYR D 335 5.36 11.58 11.01
N CYS D 336 5.48 11.28 9.72
CA CYS D 336 6.63 11.70 8.93
C CYS D 336 6.64 13.22 8.84
N ARG D 337 5.47 13.82 8.61
CA ARG D 337 5.29 15.27 8.58
C ARG D 337 5.57 15.94 9.92
N TRP D 338 5.03 15.35 10.99
CA TRP D 338 5.20 15.85 12.36
C TRP D 338 6.66 15.89 12.79
N MET D 339 7.34 14.77 12.56
CA MET D 339 8.75 14.61 12.90
C MET D 339 9.56 15.66 12.15
N ARG D 340 9.17 15.95 10.90
CA ARG D 340 9.83 16.97 10.10
C ARG D 340 9.75 18.33 10.78
N VAL D 341 8.58 18.62 11.33
CA VAL D 341 8.34 19.88 12.00
C VAL D 341 9.02 19.94 13.37
N HIS D 342 8.90 18.86 14.12
CA HIS D 342 9.44 18.79 15.47
C HIS D 342 10.93 19.15 15.53
N GLY D 343 11.67 18.89 14.46
CA GLY D 343 13.07 19.22 14.45
C GLY D 343 13.32 20.66 14.04
N LYS D 344 12.40 21.21 13.26
CA LYS D 344 12.51 22.57 12.80
C LYS D 344 11.98 23.56 13.85
N VAL D 345 11.41 23.03 14.93
CA VAL D 345 10.91 23.87 16.01
C VAL D 345 11.80 23.79 17.25
N PRO D 346 12.27 24.95 17.73
CA PRO D 346 13.14 25.02 18.91
C PRO D 346 12.37 24.61 20.17
N SER D 347 13.07 23.95 21.09
CA SER D 347 12.45 23.21 22.18
C SER D 347 11.74 24.05 23.25
N HIS D 348 11.98 25.35 23.27
CA HIS D 348 11.29 26.20 24.26
C HIS D 348 9.89 26.55 23.80
N LEU D 349 9.62 26.21 22.55
CA LEU D 349 8.39 26.63 21.88
C LEU D 349 7.41 25.48 21.79
N LEU D 350 7.76 24.36 22.40
CA LEU D 350 6.87 23.21 22.38
C LEU D 350 5.85 23.41 23.50
N ARG D 351 4.62 22.96 23.25
CA ARG D 351 3.55 23.08 24.24
C ARG D 351 3.65 21.99 25.31
N SER D 352 4.38 20.93 25.00
CA SER D 352 4.74 19.88 25.97
C SER D 352 6.18 19.49 25.68
N LYS D 353 6.90 19.03 26.71
CA LYS D 353 8.32 18.77 26.52
C LYS D 353 8.55 17.43 25.81
N ILE D 354 9.45 17.42 24.83
CA ILE D 354 9.76 16.19 24.10
C ILE D 354 10.52 15.30 25.08
N THR D 355 9.77 14.46 25.74
CA THR D 355 10.28 13.59 26.78
C THR D 355 10.36 12.17 26.27
N LYS D 356 9.18 11.68 25.91
CA LYS D 356 8.98 10.28 25.52
C LYS D 356 9.75 9.90 24.24
N PRO D 357 9.98 8.59 24.03
CA PRO D 357 10.70 8.05 22.86
C PRO D 357 10.04 8.34 21.50
N ASN D 358 10.71 7.92 20.43
CA ASN D 358 10.24 8.20 19.09
C ASN D 358 9.59 6.98 18.45
N VAL D 359 8.57 6.50 19.14
CA VAL D 359 7.61 5.53 18.63
C VAL D 359 6.26 6.25 18.63
N TYR D 360 5.35 5.84 17.75
CA TYR D 360 4.13 6.60 17.54
C TYR D 360 3.31 6.75 18.84
N HIS D 361 2.96 5.64 19.48
CA HIS D 361 2.07 5.69 20.63
C HIS D 361 2.64 6.56 21.74
N GLU D 362 3.92 6.37 22.01
CA GLU D 362 4.59 7.10 23.08
C GLU D 362 4.57 8.61 22.83
N SER D 363 4.71 9.03 21.58
CA SER D 363 4.68 10.47 21.28
C SER D 363 3.28 11.07 21.47
N LYS D 364 2.23 10.29 21.20
CA LYS D 364 0.88 10.74 21.48
C LYS D 364 0.67 10.99 22.99
N LEU D 365 1.30 10.18 23.84
CA LEU D 365 1.21 10.39 25.30
C LEU D 365 1.91 11.65 25.79
N ALA D 366 2.81 12.20 24.98
CA ALA D 366 3.44 13.47 25.29
C ALA D 366 2.41 14.60 25.33
N ALA D 367 1.31 14.41 24.61
CA ALA D 367 0.21 15.36 24.70
C ALA D 367 -0.65 15.07 25.93
N LYS D 368 -0.19 15.53 27.09
CA LYS D 368 -0.85 15.32 28.39
C LYS D 368 -2.23 15.98 28.52
N GLU D 369 -2.33 17.25 28.15
CA GLU D 369 -3.59 17.97 28.22
C GLU D 369 -4.59 17.42 27.23
N TYR D 370 -4.14 17.08 26.03
CA TYR D 370 -5.03 16.44 25.07
C TYR D 370 -5.49 15.08 25.60
N GLN D 371 -4.56 14.27 26.08
CA GLN D 371 -4.89 12.95 26.65
C GLN D 371 -5.88 13.09 27.80
N ALA D 372 -5.70 14.13 28.60
CA ALA D 372 -6.57 14.36 29.74
C ALA D 372 -7.95 14.62 29.21
N ALA D 373 -8.03 15.52 28.23
CA ALA D 373 -9.28 15.87 27.60
C ALA D 373 -9.99 14.63 27.09
N LYS D 374 -9.21 13.73 26.47
CA LYS D 374 -9.75 12.47 25.96
C LYS D 374 -10.42 11.67 27.07
N ALA D 375 -9.75 11.59 28.22
CA ALA D 375 -10.26 10.78 29.31
C ALA D 375 -11.55 11.34 29.91
N ARG D 376 -11.66 12.68 30.00
CA ARG D 376 -12.88 13.33 30.52
C ARG D 376 -14.02 13.05 29.58
N LEU D 377 -13.71 12.98 28.28
CA LEU D 377 -14.69 12.70 27.23
C LEU D 377 -15.21 11.27 27.35
N PHE D 378 -14.29 10.33 27.49
CA PHE D 378 -14.67 8.94 27.64
C PHE D 378 -15.59 8.85 28.85
N THR D 379 -15.22 9.58 29.91
CA THR D 379 -15.95 9.53 31.16
C THR D 379 -17.33 10.16 31.01
N ALA D 380 -17.42 11.23 30.22
CA ALA D 380 -18.71 11.87 29.96
C ALA D 380 -19.68 10.85 29.40
N PHE D 381 -19.26 10.11 28.39
CA PHE D 381 -20.11 9.10 27.75
C PHE D 381 -20.54 7.98 28.72
N ILE D 382 -19.64 7.46 29.54
CA ILE D 382 -20.02 6.39 30.49
C ILE D 382 -21.02 6.92 31.53
N LYS D 383 -20.70 8.06 32.14
CA LYS D 383 -21.58 8.63 33.16
C LYS D 383 -22.93 9.05 32.55
N ALA D 384 -22.93 9.45 31.28
CA ALA D 384 -24.20 9.78 30.60
C ALA D 384 -25.01 8.54 30.30
N GLY D 385 -24.46 7.38 30.61
CA GLY D 385 -25.08 6.09 30.32
C GLY D 385 -25.15 5.79 28.84
N LEU D 386 -24.10 6.16 28.10
CA LEU D 386 -24.11 6.07 26.65
C LEU D 386 -23.10 5.08 26.08
N GLY D 387 -22.51 4.25 26.93
CA GLY D 387 -21.59 3.22 26.47
C GLY D 387 -20.14 3.62 26.64
N ALA D 388 -19.25 2.65 26.60
CA ALA D 388 -17.83 2.93 26.71
C ALA D 388 -17.19 3.03 25.33
N TRP D 389 -16.28 3.96 25.18
CA TRP D 389 -15.55 4.11 23.93
C TRP D 389 -14.68 2.89 23.64
N VAL D 390 -14.49 2.60 22.36
CA VAL D 390 -13.71 1.45 21.92
C VAL D 390 -12.43 1.94 21.28
N GLU D 391 -11.28 1.60 21.86
CA GLU D 391 -10.04 2.04 21.25
C GLU D 391 -9.40 0.85 20.58
N LYS D 392 -8.62 1.11 19.53
CA LYS D 392 -7.87 0.03 18.89
C LYS D 392 -6.86 -0.56 19.88
N PRO D 393 -6.51 -1.85 19.69
CA PRO D 393 -5.45 -2.48 20.47
C PRO D 393 -4.14 -1.65 20.45
N THR D 394 -3.36 -1.73 21.52
CA THR D 394 -2.22 -0.81 21.68
C THR D 394 -1.06 -1.12 20.70
N GLU D 395 -1.14 -2.26 20.02
CA GLU D 395 -0.16 -2.62 18.99
C GLU D 395 -0.25 -1.80 17.72
N GLN D 396 -1.45 -1.32 17.39
CA GLN D 396 -1.63 -0.50 16.20
C GLN D 396 -0.67 0.69 16.23
N ASP D 397 -0.46 1.26 17.42
CA ASP D 397 0.30 2.48 17.51
C ASP D 397 1.78 2.35 17.93
N GLN D 398 2.35 1.16 17.96
CA GLN D 398 3.80 1.07 18.28
C GLN D 398 4.66 0.70 17.07
N PHE D 399 5.18 1.71 16.41
CA PHE D 399 6.00 1.59 15.21
C PHE D 399 6.84 2.86 15.09
N SER D 400 7.95 2.81 14.36
CA SER D 400 8.75 4.01 14.16
C SER D 400 9.04 4.35 12.68
N LEU D 401 9.79 5.42 12.48
CA LEU D 401 10.11 5.94 11.15
C LEU D 401 11.45 5.49 10.53
N THR D 402 11.81 6.14 9.41
CA THR D 402 12.95 5.84 8.51
C THR D 402 13.34 4.37 8.53
#